data_8QMX
#
_entry.id   8QMX
#
_cell.length_a   57.640
_cell.length_b   89.850
_cell.length_c   81.130
_cell.angle_alpha   90.00
_cell.angle_beta   104.92
_cell.angle_gamma   90.00
#
_symmetry.space_group_name_H-M   'P 1 21 1'
#
loop_
_entity.id
_entity.type
_entity.pdbx_description
1 polymer '12-oxophytodienoate reductase 3'
2 non-polymer 'FLAVIN MONONUCLEOTIDE'
3 non-polymer '[[(2R,3S,4R,5R)-5-(5-aminocarbonyl-3,4-dihydro-2H-pyridin-1-yl)-3,4-bis(oxidanyl)oxolan-2-yl]methoxy-oxidanyl-phosphoryl] [(2R,3R,4R,5R)-5-(6-aminopurin-9-yl)-3-oxidanyl-4-phosphonooxy-oxolan-2-yl]methyl hydrogen phosphate'
4 non-polymer 2-AMINO-2-HYDROXYMETHYL-PROPANE-1,3-DIOL
5 water water
#
_entity_poly.entity_id   1
_entity_poly.type   'polypeptide(L)'
_entity_poly.pdbx_seq_one_letter_code
;HHHHHHMASSAQDGNNPLFSPYKMGKFNLSHRVVLAPMTRCRALNNIPQAALGEYYEQRATAGGFLITEGTMISPTSAGF
PHVPGIFTKEQVREWKKIVDVVHAKGAVIFCQLWHVGRASHEVYQPAGAAPISSTEKPISNRWRILMPDGTHGIYPKPRA
IGTYEISQVVEDYRRSALNAIEAGFDGIEIHGAHGYLIDQFLKDGINDRTDEYGGSLANRCKFITQVVQAVVSAIGADRV
GVRVSPAIDHLDAMDSNPLSLGLAVVERLNKIQLHSGSKLAYLHVTQPRYVAYGQTEAGRLGSEEEEARLMRTLRNAYQG
TFICSGGYTRELGIEAVAQGDADLVSYGRLFISNPDLVMRIKLNAPLNKYNRKTFYTQDPVVGYTDYPFLQGNGSNGPLS
RL
;
_entity_poly.pdbx_strand_id   A,B
#
loop_
_chem_comp.id
_chem_comp.type
_chem_comp.name
_chem_comp.formula
5J8 non-polymer '[[(2R,3S,4R,5R)-5-(5-aminocarbonyl-3,4-dihydro-2H-pyridin-1-yl)-3,4-bis(oxidanyl)oxolan-2-yl]methoxy-oxidanyl-phosphoryl] [(2R,3R,4R,5R)-5-(6-aminopurin-9-yl)-3-oxidanyl-4-phosphonooxy-oxolan-2-yl]methyl hydrogen phosphate' 'C21 H32 N7 O17 P3'
FMN non-polymer 'FLAVIN MONONUCLEOTIDE' 'C17 H21 N4 O9 P'
TRS non-polymer 2-AMINO-2-HYDROXYMETHYL-PROPANE-1,3-DIOL 'C4 H12 N O3 1'
#
# COMPACT_ATOMS: atom_id res chain seq x y z
N ASN A 16 -25.42 -8.32 -19.23
CA ASN A 16 -25.02 -6.93 -19.07
C ASN A 16 -23.54 -6.91 -18.71
N PRO A 17 -22.70 -6.40 -19.62
CA PRO A 17 -21.26 -6.40 -19.36
C PRO A 17 -20.85 -5.45 -18.25
N LEU A 18 -21.68 -4.48 -17.87
CA LEU A 18 -21.37 -3.67 -16.69
C LEU A 18 -21.34 -4.52 -15.44
N PHE A 19 -21.94 -5.70 -15.48
CA PHE A 19 -21.98 -6.57 -14.32
C PHE A 19 -21.08 -7.79 -14.47
N SER A 20 -20.19 -7.76 -15.42
CA SER A 20 -19.17 -8.79 -15.32
C SER A 20 -18.05 -8.29 -14.39
N PRO A 21 -17.51 -9.18 -13.56
CA PRO A 21 -16.47 -8.75 -12.62
C PRO A 21 -15.24 -8.23 -13.33
N TYR A 22 -14.51 -7.36 -12.63
CA TYR A 22 -13.26 -6.80 -13.19
C TYR A 22 -12.20 -6.77 -12.10
N LYS A 23 -11.02 -7.26 -12.44
CA LYS A 23 -9.89 -7.21 -11.49
C LYS A 23 -9.09 -5.93 -11.72
N MET A 24 -9.20 -5.03 -10.83
CA MET A 24 -8.45 -3.76 -10.90
C MET A 24 -7.28 -3.91 -9.93
N GLY A 25 -6.17 -4.37 -10.37
CA GLY A 25 -5.06 -4.72 -9.47
C GLY A 25 -5.50 -5.78 -8.50
N LYS A 26 -5.34 -5.53 -7.21
CA LYS A 26 -5.69 -6.52 -6.16
C LYS A 26 -7.20 -6.53 -5.91
N PHE A 27 -7.94 -5.59 -6.48
CA PHE A 27 -9.34 -5.45 -6.12
C PHE A 27 -10.21 -6.25 -7.09
N ASN A 28 -11.03 -7.14 -6.54
CA ASN A 28 -11.99 -7.89 -7.33
C ASN A 28 -13.30 -7.12 -7.29
N LEU A 29 -13.52 -6.29 -8.30
CA LEU A 29 -14.74 -5.52 -8.39
C LEU A 29 -15.85 -6.40 -8.94
N SER A 30 -17.04 -6.29 -8.37
CA SER A 30 -18.14 -7.12 -8.79
C SER A 30 -18.90 -6.54 -9.97
N HIS A 31 -18.67 -5.26 -10.29
CA HIS A 31 -19.34 -4.62 -11.40
C HIS A 31 -18.50 -3.40 -11.77
N ARG A 32 -18.87 -2.78 -12.89
CA ARG A 32 -17.99 -1.78 -13.49
C ARG A 32 -18.56 -0.37 -13.38
N VAL A 33 -19.56 -0.15 -12.52
CA VAL A 33 -20.21 1.15 -12.38
C VAL A 33 -19.48 1.87 -11.24
N VAL A 34 -18.83 2.98 -11.55
CA VAL A 34 -17.97 3.70 -10.61
C VAL A 34 -18.64 5.03 -10.24
N LEU A 35 -18.55 5.41 -8.97
CA LEU A 35 -18.97 6.75 -8.55
C LEU A 35 -17.87 7.74 -8.94
N ALA A 36 -18.19 8.63 -9.88
CA ALA A 36 -17.25 9.66 -10.27
C ALA A 36 -17.04 10.64 -9.12
N PRO A 37 -15.86 11.28 -9.06
CA PRO A 37 -15.60 12.29 -8.02
C PRO A 37 -16.49 13.50 -8.22
N MET A 38 -17.19 13.93 -7.17
CA MET A 38 -18.12 15.07 -7.34
C MET A 38 -18.05 15.99 -6.14
N THR A 39 -17.55 17.21 -6.37
CA THR A 39 -17.63 18.28 -5.37
C THR A 39 -19.09 18.58 -5.01
N ARG A 40 -19.39 18.52 -3.72
CA ARG A 40 -20.75 18.79 -3.23
C ARG A 40 -20.80 19.81 -2.11
N CYS A 41 -19.67 20.22 -1.54
CA CYS A 41 -19.62 21.38 -0.63
C CYS A 41 -20.36 21.15 0.67
N ARG A 42 -20.42 19.91 1.19
CA ARG A 42 -21.00 19.67 2.51
C ARG A 42 -19.95 19.54 3.60
N ALA A 43 -18.67 19.61 3.26
CA ALA A 43 -17.60 19.41 4.24
C ALA A 43 -17.27 20.75 4.89
N LEU A 44 -18.16 21.17 5.80
CA LEU A 44 -18.13 22.53 6.35
C LEU A 44 -16.76 22.84 6.94
N ASN A 45 -16.22 23.99 6.53
CA ASN A 45 -14.91 24.48 6.98
C ASN A 45 -13.79 23.49 6.69
N ASN A 46 -13.99 22.75 5.60
CA ASN A 46 -13.04 21.78 5.04
C ASN A 46 -12.88 20.55 5.91
N ILE A 47 -13.76 20.32 6.88
CA ILE A 47 -13.70 19.12 7.71
C ILE A 47 -14.72 18.13 7.16
N PRO A 48 -14.32 16.90 6.88
CA PRO A 48 -15.32 15.89 6.49
C PRO A 48 -16.35 15.76 7.60
N GLN A 49 -17.62 15.73 7.22
CA GLN A 49 -18.74 15.73 8.15
C GLN A 49 -19.43 14.38 8.10
N ALA A 50 -20.21 14.11 9.15
CA ALA A 50 -20.97 12.87 9.18
C ALA A 50 -21.87 12.71 7.95
N ALA A 51 -22.37 13.83 7.41
CA ALA A 51 -23.19 13.77 6.20
C ALA A 51 -22.47 13.09 5.05
N LEU A 52 -21.15 13.31 4.92
CA LEU A 52 -20.41 12.66 3.84
C LEU A 52 -20.43 11.16 4.04
N GLY A 53 -20.34 10.72 5.29
CA GLY A 53 -20.41 9.29 5.56
C GLY A 53 -21.73 8.70 5.12
N GLU A 54 -22.84 9.38 5.44
CA GLU A 54 -24.14 8.90 4.99
C GLU A 54 -24.24 8.84 3.47
N TYR A 55 -23.75 9.90 2.80
CA TYR A 55 -23.82 10.00 1.36
C TYR A 55 -23.03 8.89 0.66
N TYR A 56 -21.79 8.67 1.09
CA TYR A 56 -21.00 7.62 0.45
C TYR A 56 -21.53 6.23 0.81
N GLU A 57 -22.01 6.07 2.06
CA GLU A 57 -22.60 4.79 2.44
C GLU A 57 -23.78 4.44 1.55
N GLN A 58 -24.64 5.43 1.23
CA GLN A 58 -25.82 5.18 0.41
C GLN A 58 -25.44 4.62 -0.94
N ARG A 59 -24.33 5.09 -1.48
CA ARG A 59 -23.91 4.76 -2.84
C ARG A 59 -22.99 3.55 -2.92
N ALA A 60 -22.42 3.14 -1.80
CA ALA A 60 -21.51 2.00 -1.75
C ALA A 60 -22.25 0.70 -1.99
N THR A 61 -21.61 -0.18 -2.73
CA THR A 61 -22.10 -1.53 -2.98
C THR A 61 -20.95 -2.51 -2.77
N ALA A 62 -21.32 -3.76 -2.53
CA ALA A 62 -20.33 -4.82 -2.34
C ALA A 62 -19.56 -5.05 -3.64
N GLY A 63 -18.25 -4.81 -3.58
CA GLY A 63 -17.43 -4.91 -4.79
C GLY A 63 -17.51 -3.74 -5.73
N GLY A 64 -18.09 -2.61 -5.33
CA GLY A 64 -18.15 -1.43 -6.18
C GLY A 64 -17.02 -0.47 -5.83
N PHE A 65 -16.64 0.35 -6.80
CA PHE A 65 -15.56 1.31 -6.61
C PHE A 65 -16.12 2.72 -6.55
N LEU A 66 -15.70 3.50 -5.53
CA LEU A 66 -16.11 4.88 -5.36
C LEU A 66 -14.88 5.77 -5.36
N ILE A 67 -15.02 6.97 -5.93
CA ILE A 67 -13.97 7.98 -5.85
C ILE A 67 -14.59 9.18 -5.16
N THR A 68 -13.90 9.74 -4.16
CA THR A 68 -14.46 10.89 -3.44
C THR A 68 -14.43 12.16 -4.30
N GLU A 69 -15.17 13.12 -3.79
CA GLU A 69 -15.07 14.49 -4.31
C GLU A 69 -13.63 14.96 -4.17
N GLY A 70 -13.28 15.92 -4.99
CA GLY A 70 -11.95 16.54 -4.90
C GLY A 70 -11.65 17.00 -3.49
N THR A 71 -10.45 16.69 -3.04
CA THR A 71 -10.07 16.97 -1.64
C THR A 71 -8.81 17.85 -1.63
N MET A 72 -8.79 18.82 -0.80
CA MET A 72 -7.69 19.81 -0.66
C MET A 72 -6.35 19.16 -0.30
N ILE A 73 -5.28 19.57 -0.87
CA ILE A 73 -3.94 19.07 -0.51
C ILE A 73 -3.18 20.13 0.31
N SER A 74 -3.76 21.32 0.50
CA SER A 74 -3.07 22.38 1.20
C SER A 74 -4.02 23.54 1.43
N PRO A 75 -3.63 24.52 2.25
CA PRO A 75 -4.52 25.65 2.49
C PRO A 75 -4.79 26.53 1.27
N THR A 76 -3.99 26.46 0.22
CA THR A 76 -4.10 27.31 -0.94
C THR A 76 -4.74 26.58 -2.11
N SER A 77 -5.25 25.36 -1.89
CA SER A 77 -5.65 24.49 -2.99
C SER A 77 -7.13 24.57 -3.36
N ALA A 78 -7.94 25.37 -2.66
CA ALA A 78 -9.38 25.36 -2.82
C ALA A 78 -9.92 26.52 -3.64
N GLY A 79 -11.00 26.23 -4.35
CA GLY A 79 -11.72 27.24 -5.09
C GLY A 79 -13.22 27.03 -5.09
N PHE A 80 -13.70 26.28 -4.10
CA PHE A 80 -15.10 26.05 -3.80
C PHE A 80 -15.25 26.11 -2.29
N PRO A 81 -16.44 26.41 -1.81
CA PRO A 81 -16.66 26.48 -0.36
C PRO A 81 -16.89 25.09 0.22
N HIS A 82 -16.36 24.86 1.42
CA HIS A 82 -16.69 23.66 2.19
C HIS A 82 -16.35 22.39 1.44
N VAL A 83 -15.21 22.39 0.78
CA VAL A 83 -14.64 21.18 0.19
C VAL A 83 -13.74 20.54 1.25
N PRO A 84 -13.72 19.22 1.36
CA PRO A 84 -12.91 18.62 2.42
C PRO A 84 -11.43 18.74 2.09
N GLY A 85 -10.61 18.79 3.14
CA GLY A 85 -9.18 18.60 2.97
C GLY A 85 -8.70 17.25 3.52
N ILE A 86 -7.49 16.92 3.15
CA ILE A 86 -6.81 15.78 3.77
C ILE A 86 -5.36 16.14 4.07
N PHE A 87 -5.10 17.42 4.27
CA PHE A 87 -3.75 17.88 4.59
C PHE A 87 -3.48 18.04 6.09
N THR A 88 -4.49 17.87 6.95
CA THR A 88 -4.30 17.92 8.40
C THR A 88 -4.65 16.59 9.02
N LYS A 89 -4.03 16.30 10.18
CA LYS A 89 -4.37 15.09 10.92
C LYS A 89 -5.82 15.12 11.42
N GLU A 90 -6.38 16.31 11.70
CA GLU A 90 -7.80 16.42 12.06
C GLU A 90 -8.70 15.94 10.93
N GLN A 91 -8.34 16.28 9.71
CA GLN A 91 -9.16 15.84 8.54
C GLN A 91 -9.02 14.32 8.39
N VAL A 92 -7.83 13.80 8.64
CA VAL A 92 -7.60 12.32 8.55
C VAL A 92 -8.55 11.61 9.50
N ARG A 93 -8.66 12.09 10.74
CA ARG A 93 -9.50 11.43 11.76
C ARG A 93 -10.95 11.34 11.28
N GLU A 94 -11.44 12.42 10.66
CA GLU A 94 -12.86 12.46 10.22
C GLU A 94 -13.04 11.59 8.97
N TRP A 95 -12.08 11.62 8.06
CA TRP A 95 -12.15 10.76 6.85
C TRP A 95 -12.15 9.29 7.27
N LYS A 96 -11.42 8.92 8.31
CA LYS A 96 -11.36 7.49 8.71
C LYS A 96 -12.77 6.95 8.97
N LYS A 97 -13.61 7.76 9.60
CA LYS A 97 -14.97 7.31 9.94
C LYS A 97 -15.76 7.04 8.66
N ILE A 98 -15.54 7.86 7.64
CA ILE A 98 -16.27 7.68 6.39
C ILE A 98 -15.75 6.46 5.65
N VAL A 99 -14.43 6.31 5.58
CA VAL A 99 -13.85 5.14 4.95
C VAL A 99 -14.36 3.88 5.63
N ASP A 100 -14.49 3.91 6.96
CA ASP A 100 -14.92 2.71 7.68
C ASP A 100 -16.33 2.28 7.30
N VAL A 101 -17.27 3.24 7.20
CA VAL A 101 -18.64 2.88 6.81
C VAL A 101 -18.69 2.38 5.37
N VAL A 102 -17.84 2.91 4.48
CA VAL A 102 -17.83 2.44 3.10
C VAL A 102 -17.27 1.04 3.02
N HIS A 103 -16.18 0.78 3.73
CA HIS A 103 -15.58 -0.56 3.74
C HIS A 103 -16.51 -1.58 4.38
N ALA A 104 -17.31 -1.16 5.36
CA ALA A 104 -18.30 -2.08 5.94
C ALA A 104 -19.32 -2.56 4.92
N LYS A 105 -19.56 -1.81 3.83
CA LYS A 105 -20.45 -2.27 2.77
C LYS A 105 -19.73 -3.06 1.70
N GLY A 106 -18.42 -3.25 1.83
CA GLY A 106 -17.65 -4.01 0.87
C GLY A 106 -17.18 -3.24 -0.35
N ALA A 107 -17.18 -1.91 -0.30
CA ALA A 107 -16.76 -1.11 -1.44
C ALA A 107 -15.30 -0.71 -1.31
N VAL A 108 -14.71 -0.38 -2.46
CA VAL A 108 -13.35 0.15 -2.57
C VAL A 108 -13.51 1.66 -2.74
N ILE A 109 -12.65 2.45 -2.08
CA ILE A 109 -12.78 3.90 -2.16
C ILE A 109 -11.42 4.58 -2.29
N PHE A 110 -11.28 5.45 -3.29
CA PHE A 110 -10.10 6.28 -3.48
C PHE A 110 -10.43 7.74 -3.18
N CYS A 111 -9.45 8.48 -2.65
CA CYS A 111 -9.59 9.90 -2.35
C CYS A 111 -9.00 10.70 -3.51
N GLN A 112 -9.80 11.59 -4.12
CA GLN A 112 -9.27 12.44 -5.18
C GLN A 112 -8.55 13.65 -4.59
N LEU A 113 -7.29 13.86 -5.00
CA LEU A 113 -6.47 14.97 -4.53
C LEU A 113 -6.54 16.12 -5.52
N TRP A 114 -7.00 17.29 -5.05
CA TRP A 114 -7.42 18.36 -5.96
C TRP A 114 -6.80 19.68 -5.55
N HIS A 115 -6.08 20.30 -6.49
CA HIS A 115 -5.63 21.68 -6.39
C HIS A 115 -6.20 22.46 -7.58
N VAL A 116 -6.89 23.56 -7.27
CA VAL A 116 -7.58 24.33 -8.29
C VAL A 116 -6.69 25.28 -9.07
N GLY A 117 -5.50 25.59 -8.58
CA GLY A 117 -4.66 26.58 -9.23
C GLY A 117 -5.37 27.91 -9.34
N ARG A 118 -5.36 28.49 -10.54
CA ARG A 118 -5.94 29.82 -10.77
C ARG A 118 -7.45 29.86 -10.61
N ALA A 119 -8.13 28.73 -10.54
CA ALA A 119 -9.59 28.72 -10.44
C ALA A 119 -9.98 28.89 -8.96
N SER A 120 -9.63 30.06 -8.42
CA SER A 120 -9.87 30.37 -7.01
C SER A 120 -10.23 31.84 -6.91
N HIS A 121 -10.24 32.35 -5.68
CA HIS A 121 -10.63 33.72 -5.42
C HIS A 121 -10.01 34.09 -4.09
N GLU A 122 -9.85 35.40 -3.86
CA GLU A 122 -9.29 35.88 -2.61
C GLU A 122 -9.99 35.29 -1.40
N VAL A 123 -11.32 35.10 -1.51
CA VAL A 123 -12.11 34.61 -0.38
C VAL A 123 -11.72 33.20 0.02
N TYR A 124 -11.14 32.42 -0.89
CA TYR A 124 -10.76 31.05 -0.61
C TYR A 124 -9.31 30.89 -0.22
N GLN A 125 -8.51 31.97 -0.25
CA GLN A 125 -7.08 31.89 -0.03
C GLN A 125 -6.71 32.46 1.34
N PRO A 126 -5.72 31.88 2.00
CA PRO A 126 -5.25 32.43 3.27
C PRO A 126 -4.77 33.86 3.08
N ALA A 127 -5.23 34.75 3.97
CA ALA A 127 -4.88 36.17 3.92
C ALA A 127 -5.36 36.84 2.63
N GLY A 128 -6.32 36.25 1.94
CA GLY A 128 -6.80 36.83 0.69
C GLY A 128 -5.75 36.93 -0.40
N ALA A 129 -4.75 36.04 -0.38
CA ALA A 129 -3.66 36.09 -1.34
C ALA A 129 -4.14 35.62 -2.72
N ALA A 130 -3.30 35.91 -3.72
CA ALA A 130 -3.62 35.49 -5.07
C ALA A 130 -3.49 33.97 -5.21
N PRO A 131 -4.39 33.33 -5.96
CA PRO A 131 -4.20 31.91 -6.28
C PRO A 131 -2.94 31.72 -7.11
N ILE A 132 -2.43 30.48 -7.14
CA ILE A 132 -1.21 30.15 -7.87
C ILE A 132 -1.53 29.42 -9.17
N SER A 133 -0.62 29.53 -10.13
CA SER A 133 -0.81 28.87 -11.42
C SER A 133 0.54 28.72 -12.11
N SER A 134 0.49 28.17 -13.32
CA SER A 134 1.65 28.09 -14.18
C SER A 134 1.96 29.44 -14.81
N THR A 135 0.98 30.34 -14.80
CA THR A 135 0.91 31.55 -15.61
C THR A 135 0.31 32.67 -14.74
N GLU A 136 0.47 33.91 -15.20
CA GLU A 136 -0.26 35.04 -14.61
C GLU A 136 -1.58 35.30 -15.30
N LYS A 137 -1.93 34.54 -16.33
CA LYS A 137 -3.14 34.81 -17.05
C LYS A 137 -4.35 34.35 -16.25
N PRO A 138 -5.36 35.19 -16.05
CA PRO A 138 -6.59 34.74 -15.39
C PRO A 138 -7.51 34.00 -16.34
N ILE A 139 -8.41 33.21 -15.74
CA ILE A 139 -9.58 32.75 -16.46
C ILE A 139 -10.37 33.96 -16.93
N SER A 140 -10.92 33.89 -18.14
CA SER A 140 -11.66 35.03 -18.69
C SER A 140 -12.97 35.28 -17.95
N ASN A 141 -13.59 36.43 -18.25
CA ASN A 141 -14.87 36.78 -17.66
C ASN A 141 -16.05 35.96 -18.19
N ARG A 142 -15.81 35.03 -19.12
CA ARG A 142 -16.89 34.16 -19.55
C ARG A 142 -17.20 33.05 -18.55
N TRP A 143 -16.39 32.91 -17.49
CA TRP A 143 -16.61 31.96 -16.42
C TRP A 143 -16.62 32.73 -15.10
N ARG A 144 -17.50 32.34 -14.18
CA ARG A 144 -17.60 32.99 -12.88
C ARG A 144 -17.49 31.93 -11.79
N ILE A 145 -17.01 32.34 -10.63
CA ILE A 145 -16.70 31.42 -9.53
C ILE A 145 -17.82 31.48 -8.51
N LEU A 146 -18.24 30.32 -8.03
CA LEU A 146 -19.23 30.30 -6.94
C LEU A 146 -18.60 30.81 -5.65
N MET A 147 -19.28 31.78 -5.02
CA MET A 147 -18.80 32.36 -3.77
C MET A 147 -19.47 31.72 -2.57
N PRO A 148 -18.91 31.92 -1.37
CA PRO A 148 -19.52 31.33 -0.17
C PRO A 148 -20.94 31.78 0.10
N ASP A 149 -21.32 32.98 -0.33
CA ASP A 149 -22.68 33.43 -0.09
C ASP A 149 -23.67 33.03 -1.18
N GLY A 150 -23.21 32.23 -2.15
CA GLY A 150 -24.08 31.71 -3.18
C GLY A 150 -24.14 32.56 -4.43
N THR A 151 -23.51 33.72 -4.44
CA THR A 151 -23.42 34.51 -5.65
C THR A 151 -22.23 34.04 -6.47
N HIS A 152 -22.00 34.69 -7.60
CA HIS A 152 -20.90 34.33 -8.48
C HIS A 152 -19.96 35.52 -8.65
N GLY A 153 -18.67 35.26 -8.58
CA GLY A 153 -17.65 36.28 -8.55
C GLY A 153 -16.68 36.15 -9.70
N ILE A 154 -15.64 36.98 -9.68
CA ILE A 154 -14.74 37.15 -10.81
C ILE A 154 -13.45 36.42 -10.49
N TYR A 155 -12.98 35.58 -11.41
CA TYR A 155 -11.69 34.93 -11.19
C TYR A 155 -10.57 35.96 -11.29
N PRO A 156 -9.66 36.01 -10.32
CA PRO A 156 -8.59 37.02 -10.34
C PRO A 156 -7.34 36.57 -11.08
N LYS A 157 -6.38 37.48 -11.18
CA LYS A 157 -5.09 37.19 -11.79
C LYS A 157 -4.30 36.28 -10.84
N PRO A 158 -3.81 35.14 -11.29
CA PRO A 158 -3.01 34.30 -10.41
C PRO A 158 -1.56 34.73 -10.43
N ARG A 159 -0.80 34.14 -9.52
CA ARG A 159 0.64 34.32 -9.40
C ARG A 159 1.34 33.09 -10.00
N ALA A 160 2.32 33.32 -10.87
CA ALA A 160 3.02 32.21 -11.51
C ALA A 160 4.13 31.70 -10.59
N ILE A 161 4.16 30.41 -10.38
CA ILE A 161 5.07 29.83 -9.40
C ILE A 161 6.37 29.36 -10.05
N GLY A 162 7.46 29.43 -9.29
CA GLY A 162 8.76 28.99 -9.75
C GLY A 162 9.02 27.53 -9.46
N THR A 163 10.19 27.07 -9.91
CA THR A 163 10.51 25.65 -9.77
C THR A 163 10.56 25.19 -8.32
N TYR A 164 11.06 26.02 -7.39
CA TYR A 164 11.08 25.58 -6.00
C TYR A 164 9.65 25.43 -5.46
N GLU A 165 8.80 26.43 -5.71
CA GLU A 165 7.43 26.33 -5.24
C GLU A 165 6.69 25.16 -5.89
N ILE A 166 7.00 24.85 -7.15
CA ILE A 166 6.43 23.65 -7.78
C ILE A 166 6.76 22.41 -6.96
N SER A 167 8.02 22.29 -6.54
CA SER A 167 8.42 21.15 -5.73
C SER A 167 7.67 21.12 -4.40
N GLN A 168 7.34 22.30 -3.86
N GLN A 168 7.31 22.28 -3.86
CA GLN A 168 6.54 22.39 -2.65
CA GLN A 168 6.55 22.27 -2.61
C GLN A 168 5.13 21.86 -2.89
C GLN A 168 5.08 21.91 -2.84
N VAL A 169 4.53 22.23 -4.02
CA VAL A 169 3.18 21.75 -4.34
C VAL A 169 3.22 20.24 -4.51
N VAL A 170 4.24 19.72 -5.19
CA VAL A 170 4.40 18.27 -5.32
C VAL A 170 4.46 17.62 -3.94
N GLU A 171 5.18 18.25 -3.01
CA GLU A 171 5.25 17.70 -1.67
C GLU A 171 3.90 17.74 -0.95
N ASP A 172 3.06 18.75 -1.25
CA ASP A 172 1.69 18.74 -0.70
C ASP A 172 0.90 17.55 -1.22
N TYR A 173 1.05 17.21 -2.52
CA TYR A 173 0.39 16.00 -3.00
C TYR A 173 0.92 14.77 -2.24
N ARG A 174 2.24 14.69 -2.06
CA ARG A 174 2.82 13.53 -1.41
C ARG A 174 2.31 13.38 0.02
N ARG A 175 2.29 14.47 0.78
CA ARG A 175 1.83 14.41 2.16
C ARG A 175 0.35 14.07 2.23
N SER A 176 -0.45 14.61 1.29
CA SER A 176 -1.88 14.30 1.30
C SER A 176 -2.12 12.85 0.91
N ALA A 177 -1.31 12.29 0.00
CA ALA A 177 -1.44 10.87 -0.35
C ALA A 177 -1.11 10.01 0.86
N LEU A 178 -0.09 10.38 1.60
CA LEU A 178 0.24 9.63 2.82
C LEU A 178 -0.90 9.72 3.82
N ASN A 179 -1.52 10.89 3.94
CA ASN A 179 -2.61 11.07 4.88
C ASN A 179 -3.83 10.26 4.46
N ALA A 180 -4.12 10.21 3.15
CA ALA A 180 -5.23 9.39 2.70
C ALA A 180 -5.03 7.93 3.09
N ILE A 181 -3.80 7.42 2.93
CA ILE A 181 -3.52 6.04 3.34
C ILE A 181 -3.66 5.88 4.86
N GLU A 182 -3.24 6.87 5.62
CA GLU A 182 -3.42 6.84 7.06
C GLU A 182 -4.92 6.77 7.42
N ALA A 183 -5.78 7.44 6.64
CA ALA A 183 -7.21 7.39 6.88
C ALA A 183 -7.83 6.07 6.44
N GLY A 184 -7.07 5.20 5.76
CA GLY A 184 -7.56 3.91 5.33
C GLY A 184 -8.04 3.85 3.89
N PHE A 185 -7.93 4.93 3.13
CA PHE A 185 -8.33 4.86 1.73
C PHE A 185 -7.56 3.76 1.02
N ASP A 186 -8.22 3.16 0.02
CA ASP A 186 -7.56 2.14 -0.77
C ASP A 186 -6.56 2.73 -1.76
N GLY A 187 -6.66 4.02 -2.02
CA GLY A 187 -5.71 4.71 -2.87
C GLY A 187 -6.19 6.14 -3.07
N ILE A 188 -5.51 6.82 -3.97
CA ILE A 188 -5.81 8.22 -4.28
C ILE A 188 -5.92 8.36 -5.78
N GLU A 189 -6.65 9.39 -6.21
CA GLU A 189 -6.69 9.78 -7.62
C GLU A 189 -6.11 11.18 -7.74
N ILE A 190 -5.19 11.38 -8.67
CA ILE A 190 -4.66 12.70 -8.98
C ILE A 190 -5.63 13.43 -9.92
N HIS A 191 -6.21 14.53 -9.45
CA HIS A 191 -7.10 15.34 -10.30
C HIS A 191 -6.24 16.16 -11.25
N GLY A 192 -6.06 15.67 -12.48
CA GLY A 192 -5.29 16.39 -13.48
C GLY A 192 -6.15 16.89 -14.61
N ALA A 193 -7.41 17.21 -14.31
CA ALA A 193 -8.37 17.56 -15.36
C ALA A 193 -9.13 18.87 -15.14
N HIS A 194 -10.02 19.18 -16.08
CA HIS A 194 -11.01 20.29 -15.93
C HIS A 194 -10.46 21.70 -15.72
N GLY A 195 -9.25 21.98 -16.19
CA GLY A 195 -8.72 23.36 -16.12
C GLY A 195 -8.16 23.75 -14.76
N TYR A 196 -7.92 22.76 -13.91
CA TYR A 196 -7.35 23.02 -12.56
C TYR A 196 -5.81 23.05 -12.65
N LEU A 197 -5.14 23.07 -11.52
CA LEU A 197 -3.67 23.35 -11.53
C LEU A 197 -2.89 22.50 -12.53
N ILE A 198 -3.07 21.20 -12.49
CA ILE A 198 -2.22 20.33 -13.35
C ILE A 198 -2.56 20.63 -14.82
N ASP A 199 -3.84 20.81 -15.11
CA ASP A 199 -4.25 21.14 -16.46
C ASP A 199 -3.74 22.51 -16.88
N GLN A 200 -3.56 23.44 -15.93
CA GLN A 200 -2.94 24.73 -16.26
C GLN A 200 -1.49 24.59 -16.70
N PHE A 201 -0.78 23.53 -16.29
CA PHE A 201 0.53 23.20 -16.84
C PHE A 201 0.45 22.39 -18.13
N LEU A 202 -0.54 21.48 -18.24
CA LEU A 202 -0.61 20.61 -19.42
C LEU A 202 -0.98 21.36 -20.68
N LYS A 203 -1.96 22.25 -20.60
CA LYS A 203 -2.63 22.80 -21.79
C LYS A 203 -1.85 23.97 -22.36
N ASP A 204 -1.56 23.93 -23.68
CA ASP A 204 -0.79 25.03 -24.27
C ASP A 204 -1.61 26.30 -24.46
N GLY A 205 -2.93 26.23 -24.32
CA GLY A 205 -3.72 27.45 -24.28
C GLY A 205 -3.52 28.26 -23.02
N ILE A 206 -2.99 27.65 -21.96
CA ILE A 206 -2.71 28.32 -20.69
C ILE A 206 -1.22 28.50 -20.48
N ASN A 207 -0.47 27.40 -20.53
CA ASN A 207 0.93 27.39 -20.13
C ASN A 207 1.74 28.17 -21.16
N ASP A 208 2.08 29.41 -20.79
CA ASP A 208 2.96 30.27 -21.58
C ASP A 208 4.39 30.33 -21.04
N ARG A 209 4.81 29.34 -20.26
CA ARG A 209 6.13 29.42 -19.64
C ARG A 209 7.24 29.21 -20.65
N THR A 210 8.39 29.83 -20.36
CA THR A 210 9.60 29.65 -21.14
C THR A 210 10.69 28.91 -20.39
N ASP A 211 10.39 28.36 -19.22
CA ASP A 211 11.34 27.58 -18.46
C ASP A 211 11.16 26.08 -18.76
N GLU A 212 11.69 25.24 -17.88
CA GLU A 212 11.61 23.81 -18.15
C GLU A 212 10.21 23.23 -17.96
N TYR A 213 9.24 24.02 -17.51
CA TYR A 213 7.87 23.52 -17.38
C TYR A 213 6.95 24.01 -18.50
N GLY A 214 7.48 24.70 -19.52
CA GLY A 214 6.63 25.22 -20.58
C GLY A 214 7.24 24.96 -21.94
N GLY A 215 6.41 25.13 -22.96
CA GLY A 215 6.84 24.95 -24.34
C GLY A 215 6.49 23.60 -24.93
N SER A 216 7.47 22.72 -24.94
CA SER A 216 7.31 21.42 -25.59
C SER A 216 6.34 20.55 -24.80
N LEU A 217 5.82 19.51 -25.47
CA LEU A 217 5.02 18.49 -24.80
C LEU A 217 5.73 17.94 -23.57
N ALA A 218 7.03 17.61 -23.70
CA ALA A 218 7.73 17.04 -22.56
C ALA A 218 7.75 18.01 -21.40
N ASN A 219 7.96 19.29 -21.69
CA ASN A 219 8.04 20.27 -20.59
C ASN A 219 6.67 20.47 -19.96
N ARG A 220 5.60 20.53 -20.77
CA ARG A 220 4.25 20.69 -20.25
C ARG A 220 3.79 19.48 -19.45
N CYS A 221 4.32 18.29 -19.76
CA CYS A 221 4.00 17.11 -18.97
C CYS A 221 4.86 16.97 -17.73
N LYS A 222 5.86 17.82 -17.53
CA LYS A 222 6.76 17.67 -16.39
C LYS A 222 6.01 17.68 -15.06
N PHE A 223 5.10 18.64 -14.88
CA PHE A 223 4.46 18.79 -13.57
C PHE A 223 3.63 17.55 -13.22
N ILE A 224 2.80 17.07 -14.15
CA ILE A 224 1.99 15.90 -13.82
C ILE A 224 2.87 14.68 -13.58
N THR A 225 3.96 14.56 -14.33
CA THR A 225 4.88 13.46 -14.12
C THR A 225 5.48 13.53 -12.71
N GLN A 226 5.89 14.72 -12.30
CA GLN A 226 6.50 14.91 -10.98
C GLN A 226 5.52 14.61 -9.86
N VAL A 227 4.25 15.01 -10.03
CA VAL A 227 3.22 14.74 -9.03
C VAL A 227 2.97 13.25 -8.93
N VAL A 228 2.78 12.60 -10.08
CA VAL A 228 2.50 11.16 -10.06
C VAL A 228 3.68 10.40 -9.48
N GLN A 229 4.91 10.77 -9.87
CA GLN A 229 6.09 10.07 -9.35
C GLN A 229 6.17 10.21 -7.84
N ALA A 230 5.91 11.41 -7.32
CA ALA A 230 6.02 11.62 -5.88
C ALA A 230 5.00 10.79 -5.11
N VAL A 231 3.76 10.70 -5.58
CA VAL A 231 2.79 9.87 -4.87
C VAL A 231 3.09 8.38 -5.04
N VAL A 232 3.54 7.97 -6.24
CA VAL A 232 3.91 6.58 -6.44
C VAL A 232 5.00 6.17 -5.46
N SER A 233 6.01 7.04 -5.26
CA SER A 233 7.13 6.70 -4.39
C SER A 233 6.73 6.74 -2.93
N ALA A 234 5.61 7.37 -2.61
CA ALA A 234 5.14 7.44 -1.24
C ALA A 234 4.25 6.27 -0.86
N ILE A 235 3.32 5.86 -1.72
CA ILE A 235 2.32 4.88 -1.35
C ILE A 235 2.27 3.67 -2.27
N GLY A 236 3.03 3.66 -3.37
CA GLY A 236 3.00 2.56 -4.32
C GLY A 236 2.09 2.82 -5.50
N ALA A 237 2.55 2.44 -6.69
CA ALA A 237 1.81 2.76 -7.90
C ALA A 237 0.41 2.14 -7.88
N ASP A 238 0.25 0.97 -7.26
CA ASP A 238 -1.01 0.26 -7.23
C ASP A 238 -2.10 1.07 -6.54
N ARG A 239 -1.73 2.06 -5.72
CA ARG A 239 -2.69 2.86 -4.97
C ARG A 239 -2.85 4.25 -5.56
N VAL A 240 -2.48 4.43 -6.83
CA VAL A 240 -2.53 5.74 -7.48
C VAL A 240 -3.28 5.62 -8.79
N GLY A 241 -4.39 6.36 -8.92
CA GLY A 241 -5.02 6.59 -10.21
C GLY A 241 -4.78 8.01 -10.69
N VAL A 242 -4.96 8.24 -12.00
CA VAL A 242 -4.71 9.56 -12.57
C VAL A 242 -5.90 9.93 -13.45
N ARG A 243 -6.44 11.15 -13.28
CA ARG A 243 -7.56 11.62 -14.09
C ARG A 243 -7.13 12.82 -14.93
N VAL A 244 -7.44 12.77 -16.24
CA VAL A 244 -7.15 13.86 -17.15
C VAL A 244 -8.33 14.09 -18.09
N SER A 245 -8.30 15.23 -18.78
CA SER A 245 -9.39 15.58 -19.71
C SER A 245 -8.81 16.41 -20.84
N PRO A 246 -8.05 15.80 -21.73
CA PRO A 246 -7.35 16.60 -22.76
C PRO A 246 -8.29 17.37 -23.69
N ALA A 247 -9.51 16.91 -23.91
CA ALA A 247 -10.40 17.56 -24.91
C ALA A 247 -11.52 18.36 -24.24
N ILE A 248 -11.46 18.49 -22.92
CA ILE A 248 -12.47 19.34 -22.21
C ILE A 248 -11.89 20.75 -22.09
N ASP A 249 -12.67 21.77 -22.49
CA ASP A 249 -12.19 23.18 -22.55
C ASP A 249 -12.63 24.03 -21.36
N HIS A 250 -13.21 23.42 -20.34
CA HIS A 250 -13.61 24.13 -19.08
C HIS A 250 -12.57 25.12 -18.55
N LEU A 251 -13.04 26.30 -18.13
CA LEU A 251 -12.16 27.32 -17.50
C LEU A 251 -11.04 27.76 -18.44
N ASP A 252 -11.34 27.85 -19.73
CA ASP A 252 -10.39 28.39 -20.71
C ASP A 252 -9.11 27.56 -20.75
N ALA A 253 -9.28 26.24 -20.69
CA ALA A 253 -8.16 25.32 -20.63
C ALA A 253 -8.16 24.46 -21.89
N MET A 254 -7.66 25.03 -22.97
CA MET A 254 -7.66 24.36 -24.27
C MET A 254 -6.24 24.01 -24.68
N ASP A 255 -6.11 22.91 -25.39
CA ASP A 255 -4.87 22.56 -26.07
C ASP A 255 -5.07 22.58 -27.58
N SER A 256 -4.05 23.02 -28.30
CA SER A 256 -4.12 23.05 -29.75
C SER A 256 -4.23 21.64 -30.37
N ASN A 257 -3.79 20.60 -29.69
CA ASN A 257 -3.85 19.24 -30.20
C ASN A 257 -4.15 18.26 -29.07
N PRO A 258 -5.43 18.14 -28.69
CA PRO A 258 -5.78 17.30 -27.52
C PRO A 258 -5.35 15.83 -27.64
N LEU A 259 -5.48 15.22 -28.82
CA LEU A 259 -5.05 13.83 -28.97
C LEU A 259 -3.56 13.67 -28.73
N SER A 260 -2.75 14.60 -29.25
CA SER A 260 -1.30 14.58 -29.03
C SER A 260 -0.96 14.78 -27.54
N LEU A 261 -1.58 15.76 -26.90
CA LEU A 261 -1.37 15.96 -25.48
C LEU A 261 -1.77 14.72 -24.69
N GLY A 262 -2.93 14.14 -25.00
CA GLY A 262 -3.34 12.95 -24.28
C GLY A 262 -2.35 11.82 -24.42
N LEU A 263 -1.87 11.59 -25.65
CA LEU A 263 -0.91 10.53 -25.88
C LEU A 263 0.39 10.82 -25.15
N ALA A 264 0.78 12.10 -25.09
CA ALA A 264 2.01 12.45 -24.40
C ALA A 264 1.91 12.15 -22.91
N VAL A 265 0.74 12.42 -22.32
CA VAL A 265 0.52 12.05 -20.92
C VAL A 265 0.60 10.54 -20.75
N VAL A 266 -0.09 9.80 -21.62
CA VAL A 266 -0.09 8.35 -21.53
C VAL A 266 1.33 7.80 -21.59
N GLU A 267 2.15 8.33 -22.51
CA GLU A 267 3.56 7.93 -22.62
C GLU A 267 4.30 8.11 -21.30
N ARG A 268 4.07 9.21 -20.61
CA ARG A 268 4.74 9.40 -19.32
C ARG A 268 4.22 8.43 -18.28
N LEU A 269 2.92 8.14 -18.26
CA LEU A 269 2.40 7.19 -17.29
C LEU A 269 2.94 5.79 -17.53
N ASN A 270 2.99 5.36 -18.79
CA ASN A 270 3.55 4.04 -19.11
C ASN A 270 5.01 3.97 -18.67
N LYS A 271 5.74 5.09 -18.82
CA LYS A 271 7.15 5.12 -18.44
C LYS A 271 7.33 5.06 -16.93
N ILE A 272 6.48 5.77 -16.18
CA ILE A 272 6.51 5.63 -14.73
C ILE A 272 6.30 4.19 -14.32
N GLN A 273 5.34 3.50 -14.94
CA GLN A 273 5.04 2.13 -14.58
C GLN A 273 6.23 1.24 -14.84
N LEU A 274 6.85 1.38 -16.01
CA LEU A 274 8.02 0.56 -16.33
C LEU A 274 9.16 0.83 -15.35
N HIS A 275 9.44 2.09 -15.07
CA HIS A 275 10.54 2.41 -14.16
C HIS A 275 10.23 1.94 -12.73
N SER A 276 8.99 2.15 -12.25
CA SER A 276 8.63 1.75 -10.89
C SER A 276 8.49 0.24 -10.72
N GLY A 277 8.20 -0.48 -11.80
CA GLY A 277 7.97 -1.91 -11.72
C GLY A 277 6.55 -2.33 -11.41
N SER A 278 5.58 -1.41 -11.52
CA SER A 278 4.23 -1.65 -11.06
C SER A 278 3.29 -0.77 -11.86
N LYS A 279 2.10 -1.29 -12.15
CA LYS A 279 1.07 -0.50 -12.82
C LYS A 279 0.39 0.43 -11.84
N LEU A 280 -0.03 1.58 -12.34
CA LEU A 280 -0.96 2.43 -11.62
C LEU A 280 -2.29 1.70 -11.42
N ALA A 281 -3.12 2.22 -10.52
CA ALA A 281 -4.45 1.63 -10.40
C ALA A 281 -5.25 1.78 -11.69
N TYR A 282 -5.19 2.96 -12.33
CA TYR A 282 -5.96 3.21 -13.56
C TYR A 282 -5.61 4.58 -14.12
N LEU A 283 -6.00 4.76 -15.39
CA LEU A 283 -6.12 6.07 -16.05
C LEU A 283 -7.62 6.32 -16.22
N HIS A 284 -8.07 7.50 -15.83
CA HIS A 284 -9.47 7.93 -15.83
C HIS A 284 -9.55 9.15 -16.72
N VAL A 285 -10.37 9.10 -17.78
CA VAL A 285 -10.43 10.20 -18.73
C VAL A 285 -11.86 10.63 -18.90
N THR A 286 -12.12 11.93 -18.79
CA THR A 286 -13.44 12.49 -19.05
C THR A 286 -13.45 13.05 -20.44
N GLN A 287 -14.49 12.71 -21.18
CA GLN A 287 -14.61 13.21 -22.53
C GLN A 287 -15.66 14.29 -22.60
N PRO A 288 -15.56 15.16 -23.59
CA PRO A 288 -16.65 16.10 -23.88
C PRO A 288 -17.81 15.39 -24.59
N ARG A 289 -18.98 16.01 -24.49
CA ARG A 289 -20.21 15.57 -25.15
C ARG A 289 -20.86 16.76 -25.85
N TYR A 290 -20.97 16.69 -27.16
CA TYR A 290 -21.58 17.75 -27.96
C TYR A 290 -22.91 17.28 -28.54
N VAL A 291 -23.87 18.19 -28.61
CA VAL A 291 -25.22 17.87 -29.09
C VAL A 291 -25.59 18.73 -30.29
N GLY A 302 -18.29 13.19 -37.58
CA GLY A 302 -19.03 13.85 -36.51
C GLY A 302 -18.21 13.94 -35.24
N SER A 303 -18.65 14.81 -34.33
CA SER A 303 -17.90 15.04 -33.10
C SER A 303 -17.93 13.82 -32.20
N GLU A 304 -19.08 13.15 -32.09
CA GLU A 304 -19.19 12.01 -31.19
C GLU A 304 -18.26 10.87 -31.62
N GLU A 305 -18.14 10.64 -32.93
CA GLU A 305 -17.23 9.59 -33.39
C GLU A 305 -15.77 10.02 -33.25
N GLU A 306 -15.46 11.27 -33.62
CA GLU A 306 -14.10 11.78 -33.40
C GLU A 306 -13.70 11.68 -31.93
N GLU A 307 -14.62 12.03 -31.02
CA GLU A 307 -14.32 11.94 -29.59
C GLU A 307 -14.21 10.49 -29.13
N ALA A 308 -15.04 9.61 -29.68
CA ALA A 308 -14.93 8.19 -29.32
C ALA A 308 -13.59 7.62 -29.76
N ARG A 309 -13.11 8.05 -30.93
CA ARG A 309 -11.82 7.58 -31.43
C ARG A 309 -10.67 8.14 -30.58
N LEU A 310 -10.80 9.36 -30.08
CA LEU A 310 -9.79 9.89 -29.18
C LEU A 310 -9.73 9.05 -27.90
N MET A 311 -10.88 8.82 -27.27
CA MET A 311 -10.94 7.94 -26.09
C MET A 311 -10.37 6.57 -26.33
N ARG A 312 -10.74 5.94 -27.46
CA ARG A 312 -10.24 4.60 -27.73
C ARG A 312 -8.73 4.61 -27.96
N THR A 313 -8.22 5.67 -28.59
CA THR A 313 -6.78 5.77 -28.80
C THR A 313 -6.01 5.95 -27.51
N LEU A 314 -6.55 6.73 -26.55
CA LEU A 314 -5.87 6.82 -25.26
C LEU A 314 -5.92 5.49 -24.54
N ARG A 315 -7.07 4.82 -24.58
CA ARG A 315 -7.17 3.51 -23.95
C ARG A 315 -6.18 2.54 -24.57
N ASN A 316 -6.12 2.50 -25.90
CA ASN A 316 -5.24 1.54 -26.56
C ASN A 316 -3.78 1.80 -26.21
N ALA A 317 -3.40 3.07 -26.03
CA ALA A 317 -2.02 3.45 -25.80
C ALA A 317 -1.59 3.20 -24.35
N TYR A 318 -2.54 3.21 -23.42
CA TYR A 318 -2.25 3.10 -22.00
C TYR A 318 -2.15 1.64 -21.56
N GLN A 319 -1.04 1.29 -20.89
CA GLN A 319 -0.83 -0.06 -20.38
C GLN A 319 -1.46 -0.20 -19.00
N GLY A 320 -2.77 -0.48 -18.98
CA GLY A 320 -3.46 -0.73 -17.71
C GLY A 320 -4.97 -0.46 -17.82
N THR A 321 -5.57 -0.27 -16.64
CA THR A 321 -7.01 -0.13 -16.51
C THR A 321 -7.47 1.26 -16.91
N PHE A 322 -8.56 1.32 -17.68
CA PHE A 322 -9.07 2.57 -18.23
C PHE A 322 -10.49 2.81 -17.76
N ILE A 323 -10.73 3.97 -17.14
CA ILE A 323 -12.05 4.38 -16.70
C ILE A 323 -12.51 5.53 -17.59
N CYS A 324 -13.63 5.36 -18.25
CA CYS A 324 -14.19 6.44 -19.07
C CYS A 324 -15.29 7.18 -18.30
N SER A 325 -15.51 8.43 -18.66
CA SER A 325 -16.45 9.27 -17.93
C SER A 325 -16.88 10.41 -18.84
N GLY A 326 -18.04 10.98 -18.52
CA GLY A 326 -18.53 12.15 -19.23
C GLY A 326 -19.74 11.83 -20.08
N GLY A 327 -20.92 12.10 -19.53
CA GLY A 327 -22.15 11.88 -20.28
C GLY A 327 -22.60 10.44 -20.43
N TYR A 328 -22.03 9.51 -19.68
CA TYR A 328 -22.41 8.12 -19.88
C TYR A 328 -23.79 7.84 -19.30
N THR A 329 -24.49 6.92 -19.96
CA THR A 329 -25.80 6.44 -19.57
C THR A 329 -25.68 4.95 -19.41
N ARG A 330 -26.77 4.28 -19.05
CA ARG A 330 -26.74 2.82 -19.02
C ARG A 330 -26.30 2.25 -20.36
N GLU A 331 -26.96 2.69 -21.44
CA GLU A 331 -26.70 2.13 -22.77
C GLU A 331 -25.28 2.42 -23.22
N LEU A 332 -24.81 3.66 -23.02
CA LEU A 332 -23.46 4.00 -23.44
C LEU A 332 -22.40 3.30 -22.60
N GLY A 333 -22.65 3.09 -21.31
CA GLY A 333 -21.70 2.34 -20.50
C GLY A 333 -21.60 0.87 -20.90
N ILE A 334 -22.76 0.24 -21.17
CA ILE A 334 -22.76 -1.12 -21.68
C ILE A 334 -21.96 -1.20 -22.97
N GLU A 335 -22.18 -0.26 -23.88
CA GLU A 335 -21.46 -0.28 -25.16
C GLU A 335 -19.96 -0.11 -24.95
N ALA A 336 -19.56 0.79 -24.06
CA ALA A 336 -18.13 1.02 -23.84
C ALA A 336 -17.43 -0.24 -23.37
N VAL A 337 -18.04 -0.96 -22.42
CA VAL A 337 -17.41 -2.18 -21.93
C VAL A 337 -17.47 -3.29 -22.99
N ALA A 338 -18.63 -3.47 -23.63
CA ALA A 338 -18.78 -4.55 -24.60
C ALA A 338 -17.79 -4.41 -25.74
N GLN A 339 -17.54 -3.18 -26.17
CA GLN A 339 -16.71 -2.91 -27.33
C GLN A 339 -15.22 -2.88 -26.98
N GLY A 340 -14.88 -3.03 -25.69
CA GLY A 340 -13.50 -2.97 -25.25
C GLY A 340 -12.95 -1.57 -25.12
N ASP A 341 -13.81 -0.54 -25.11
CA ASP A 341 -13.36 0.84 -25.14
C ASP A 341 -12.99 1.31 -23.72
N ALA A 342 -13.41 0.60 -22.67
CA ALA A 342 -13.08 0.96 -21.30
C ALA A 342 -13.25 -0.28 -20.45
N ASP A 343 -12.57 -0.29 -19.29
CA ASP A 343 -12.79 -1.35 -18.33
C ASP A 343 -13.85 -1.00 -17.32
N LEU A 344 -13.95 0.28 -16.98
CA LEU A 344 -14.87 0.75 -15.95
C LEU A 344 -15.47 2.04 -16.45
N VAL A 345 -16.67 2.38 -15.94
CA VAL A 345 -17.43 3.54 -16.43
C VAL A 345 -17.86 4.31 -15.20
N SER A 346 -17.43 5.56 -15.08
CA SER A 346 -17.86 6.37 -13.94
C SER A 346 -19.00 7.30 -14.31
N TYR A 347 -19.90 7.48 -13.33
CA TYR A 347 -21.11 8.26 -13.47
C TYR A 347 -21.12 9.31 -12.38
N GLY A 348 -21.43 10.55 -12.79
CA GLY A 348 -21.52 11.69 -11.90
C GLY A 348 -22.95 12.11 -11.59
N ARG A 349 -23.57 12.90 -12.48
CA ARG A 349 -24.86 13.50 -12.16
C ARG A 349 -25.92 12.46 -11.81
N LEU A 350 -25.93 11.32 -12.53
CA LEU A 350 -26.96 10.33 -12.21
C LEU A 350 -26.76 9.73 -10.84
N PHE A 351 -25.51 9.68 -10.36
CA PHE A 351 -25.24 9.17 -9.03
C PHE A 351 -25.59 10.19 -7.95
N ILE A 352 -25.69 11.48 -8.30
CA ILE A 352 -26.17 12.46 -7.33
C ILE A 352 -27.59 12.12 -6.90
N SER A 353 -28.45 11.86 -7.89
CA SER A 353 -29.87 11.70 -7.61
C SER A 353 -30.30 10.25 -7.45
N ASN A 354 -29.42 9.28 -7.72
CA ASN A 354 -29.77 7.87 -7.59
C ASN A 354 -28.76 7.22 -6.66
N PRO A 355 -29.05 7.16 -5.35
CA PRO A 355 -28.09 6.53 -4.45
C PRO A 355 -27.81 5.09 -4.83
N ASP A 356 -28.86 4.38 -5.25
CA ASP A 356 -28.77 3.01 -5.75
C ASP A 356 -28.63 2.96 -7.26
N LEU A 357 -27.78 3.82 -7.84
CA LEU A 357 -27.60 3.81 -9.29
C LEU A 357 -27.15 2.45 -9.81
N VAL A 358 -26.27 1.76 -9.07
CA VAL A 358 -25.78 0.46 -9.54
C VAL A 358 -26.96 -0.49 -9.71
N MET A 359 -27.81 -0.57 -8.70
CA MET A 359 -28.97 -1.45 -8.79
C MET A 359 -29.94 -1.01 -9.89
N ARG A 360 -30.18 0.29 -10.03
CA ARG A 360 -31.05 0.77 -11.09
C ARG A 360 -30.50 0.43 -12.47
N ILE A 361 -29.17 0.49 -12.63
CA ILE A 361 -28.60 0.15 -13.92
C ILE A 361 -28.75 -1.35 -14.16
N LYS A 362 -28.56 -2.16 -13.11
CA LYS A 362 -28.69 -3.60 -13.25
C LYS A 362 -30.11 -4.00 -13.63
N LEU A 363 -31.11 -3.36 -13.04
CA LEU A 363 -32.50 -3.70 -13.28
C LEU A 363 -33.11 -2.93 -14.45
N ASN A 364 -32.38 -2.00 -15.04
CA ASN A 364 -32.91 -1.10 -16.05
C ASN A 364 -34.16 -0.38 -15.55
N ALA A 365 -34.06 0.13 -14.33
CA ALA A 365 -35.10 0.84 -13.60
C ALA A 365 -35.08 2.32 -13.98
N PRO A 366 -36.20 3.03 -13.79
CA PRO A 366 -36.18 4.48 -14.01
C PRO A 366 -35.18 5.15 -13.07
N LEU A 367 -34.75 6.33 -13.48
CA LEU A 367 -33.80 7.11 -12.70
C LEU A 367 -34.46 8.38 -12.17
N ASN A 368 -34.09 8.76 -10.96
CA ASN A 368 -34.54 10.02 -10.39
C ASN A 368 -33.90 11.19 -11.11
N LYS A 369 -34.67 12.26 -11.30
CA LYS A 369 -34.12 13.52 -11.77
C LYS A 369 -33.23 14.13 -10.69
N TYR A 370 -32.18 14.82 -11.13
CA TYR A 370 -31.34 15.53 -10.19
C TYR A 370 -31.68 17.02 -10.16
N ASN A 371 -31.39 17.65 -9.03
CA ASN A 371 -31.69 19.07 -8.82
C ASN A 371 -30.36 19.82 -8.77
N ARG A 372 -30.00 20.46 -9.89
CA ARG A 372 -28.77 21.23 -9.95
C ARG A 372 -28.70 22.32 -8.87
N LYS A 373 -29.84 22.87 -8.45
CA LYS A 373 -29.79 23.94 -7.47
C LYS A 373 -29.13 23.50 -6.16
N THR A 374 -29.12 22.20 -5.85
CA THR A 374 -28.54 21.75 -4.59
C THR A 374 -27.28 20.93 -4.80
N PHE A 375 -26.64 21.09 -5.97
CA PHE A 375 -25.34 20.44 -6.19
C PHE A 375 -24.29 20.92 -5.17
N TYR A 376 -24.26 22.22 -4.89
CA TYR A 376 -23.19 22.85 -4.13
C TYR A 376 -23.65 23.59 -2.88
N THR A 377 -24.87 23.32 -2.39
CA THR A 377 -25.36 23.92 -1.17
C THR A 377 -24.83 23.14 0.04
N GLN A 378 -25.10 23.64 1.24
CA GLN A 378 -24.43 23.14 2.45
C GLN A 378 -25.27 22.24 3.33
N ASP A 379 -26.56 22.06 3.01
CA ASP A 379 -27.40 21.29 3.91
C ASP A 379 -26.92 19.84 3.93
N PRO A 380 -26.84 19.22 5.11
CA PRO A 380 -26.35 17.85 5.19
C PRO A 380 -27.33 16.81 4.67
N VAL A 381 -28.60 17.20 4.44
CA VAL A 381 -29.61 16.26 3.97
C VAL A 381 -30.18 16.69 2.62
N VAL A 382 -30.70 17.92 2.55
CA VAL A 382 -31.50 18.36 1.41
C VAL A 382 -30.66 18.39 0.14
N GLY A 383 -31.11 17.67 -0.88
CA GLY A 383 -30.38 17.52 -2.13
C GLY A 383 -29.09 16.74 -2.01
N TYR A 384 -28.89 16.03 -0.90
CA TYR A 384 -27.63 15.32 -0.66
C TYR A 384 -27.92 13.86 -0.33
N THR A 385 -28.64 13.60 0.75
CA THR A 385 -28.96 12.23 1.14
C THR A 385 -30.44 11.91 1.06
N ASP A 386 -31.26 12.83 0.58
CA ASP A 386 -32.70 12.60 0.56
C ASP A 386 -33.23 12.21 -0.81
N TYR A 387 -32.35 11.87 -1.77
CA TYR A 387 -32.91 11.30 -2.98
C TYR A 387 -33.28 9.84 -2.71
N PRO A 388 -34.45 9.39 -3.17
CA PRO A 388 -34.97 8.10 -2.73
C PRO A 388 -34.35 6.89 -3.44
N PHE A 389 -34.32 5.78 -2.71
CA PHE A 389 -34.03 4.46 -3.25
C PHE A 389 -35.24 3.88 -3.99
N LEU A 390 -34.99 2.87 -4.81
CA LEU A 390 -36.08 2.11 -5.42
C LEU A 390 -37.04 1.57 -4.35
N ASN B 16 -9.81 -10.53 28.96
CA ASN B 16 -8.63 -11.04 28.27
C ASN B 16 -8.08 -9.96 27.32
N PRO B 17 -6.98 -9.32 27.73
CA PRO B 17 -6.44 -8.21 26.92
C PRO B 17 -5.89 -8.65 25.56
N LEU B 18 -5.62 -9.94 25.37
CA LEU B 18 -5.30 -10.41 24.02
C LEU B 18 -6.47 -10.24 23.07
N PHE B 19 -7.68 -10.06 23.60
CA PHE B 19 -8.87 -9.86 22.79
C PHE B 19 -9.40 -8.44 22.86
N SER B 20 -8.59 -7.52 23.35
CA SER B 20 -8.92 -6.15 23.07
C SER B 20 -8.48 -5.80 21.66
N PRO B 21 -9.31 -5.09 20.90
CA PRO B 21 -8.94 -4.76 19.52
C PRO B 21 -7.69 -3.90 19.48
N TYR B 22 -7.00 -3.97 18.35
CA TYR B 22 -5.77 -3.17 18.17
C TYR B 22 -5.78 -2.57 16.77
N LYS B 23 -5.41 -1.30 16.68
CA LYS B 23 -5.36 -0.63 15.38
C LYS B 23 -3.90 -0.64 14.91
N MET B 24 -3.59 -1.57 14.03
CA MET B 24 -2.28 -1.63 13.37
C MET B 24 -2.37 -0.81 12.09
N GLY B 25 -1.96 0.45 12.16
CA GLY B 25 -2.17 1.32 11.01
C GLY B 25 -3.63 1.36 10.61
N LYS B 26 -3.91 1.08 9.35
CA LYS B 26 -5.28 1.03 8.85
C LYS B 26 -6.01 -0.25 9.25
N PHE B 27 -5.30 -1.26 9.76
CA PHE B 27 -5.90 -2.56 10.01
C PHE B 27 -6.55 -2.54 11.39
N ASN B 28 -7.85 -2.80 11.43
CA ASN B 28 -8.57 -2.90 12.70
C ASN B 28 -8.53 -4.36 13.11
N LEU B 29 -7.51 -4.75 13.87
CA LEU B 29 -7.37 -6.12 14.34
C LEU B 29 -8.32 -6.38 15.52
N SER B 30 -8.95 -7.55 15.51
CA SER B 30 -9.90 -7.91 16.55
C SER B 30 -9.25 -8.55 17.76
N HIS B 31 -8.02 -9.05 17.62
CA HIS B 31 -7.29 -9.64 18.73
C HIS B 31 -5.81 -9.51 18.43
N ARG B 32 -4.98 -9.85 19.41
CA ARG B 32 -3.55 -9.61 19.35
C ARG B 32 -2.71 -10.88 19.22
N VAL B 33 -3.33 -12.01 18.93
CA VAL B 33 -2.65 -13.28 18.69
C VAL B 33 -2.27 -13.35 17.21
N VAL B 34 -0.97 -13.40 16.94
CA VAL B 34 -0.44 -13.34 15.57
C VAL B 34 0.21 -14.67 15.23
N LEU B 35 0.03 -15.13 13.99
CA LEU B 35 0.77 -16.30 13.51
C LEU B 35 2.19 -15.88 13.17
N ALA B 36 3.17 -16.43 13.88
CA ALA B 36 4.56 -16.09 13.61
C ALA B 36 4.97 -16.73 12.29
N PRO B 37 5.94 -16.15 11.58
CA PRO B 37 6.40 -16.77 10.33
C PRO B 37 7.04 -18.12 10.64
N MET B 38 6.57 -19.16 9.96
CA MET B 38 7.21 -20.48 10.13
C MET B 38 7.43 -21.22 8.81
N THR B 39 8.71 -21.42 8.52
CA THR B 39 9.16 -22.33 7.46
C THR B 39 8.66 -23.74 7.73
N ARG B 40 7.89 -24.29 6.80
CA ARG B 40 7.34 -25.63 6.94
C ARG B 40 7.75 -26.57 5.80
N CYS B 41 8.29 -26.04 4.69
CA CYS B 41 8.86 -26.87 3.62
C CYS B 41 7.82 -27.70 2.86
N ARG B 42 6.61 -27.19 2.70
CA ARG B 42 5.55 -27.85 1.92
C ARG B 42 5.36 -27.22 0.55
N ALA B 43 6.08 -26.14 0.23
CA ALA B 43 5.92 -25.45 -1.04
C ALA B 43 6.80 -26.13 -2.09
N LEU B 44 6.31 -27.27 -2.59
CA LEU B 44 7.12 -28.14 -3.44
C LEU B 44 7.68 -27.39 -4.63
N ASN B 45 8.98 -27.57 -4.88
CA ASN B 45 9.71 -26.95 -5.98
C ASN B 45 9.69 -25.43 -5.91
N ASN B 46 9.59 -24.90 -4.69
CA ASN B 46 9.53 -23.47 -4.41
C ASN B 46 8.24 -22.81 -4.92
N ILE B 47 7.21 -23.59 -5.21
CA ILE B 47 5.93 -23.06 -5.68
C ILE B 47 4.91 -23.21 -4.56
N PRO B 48 4.22 -22.14 -4.16
CA PRO B 48 3.14 -22.29 -3.18
C PRO B 48 2.12 -23.31 -3.67
N GLN B 49 1.66 -24.17 -2.76
CA GLN B 49 0.78 -25.28 -3.08
C GLN B 49 -0.59 -25.10 -2.45
N ALA B 50 -1.55 -25.87 -2.96
CA ALA B 50 -2.89 -25.88 -2.37
C ALA B 50 -2.85 -26.21 -0.89
N ALA B 51 -1.88 -26.99 -0.46
CA ALA B 51 -1.77 -27.33 0.96
C ALA B 51 -1.50 -26.10 1.81
N LEU B 52 -0.66 -25.18 1.33
CA LEU B 52 -0.44 -23.93 2.07
C LEU B 52 -1.75 -23.15 2.22
N GLY B 53 -2.60 -23.20 1.20
CA GLY B 53 -3.88 -22.50 1.28
C GLY B 53 -4.75 -23.03 2.42
N GLU B 54 -4.85 -24.35 2.53
CA GLU B 54 -5.62 -24.93 3.61
C GLU B 54 -5.00 -24.62 4.97
N TYR B 55 -3.66 -24.68 5.05
CA TYR B 55 -2.97 -24.43 6.31
C TYR B 55 -3.22 -23.02 6.81
N TYR B 56 -3.08 -22.02 5.93
CA TYR B 56 -3.32 -20.65 6.36
C TYR B 56 -4.81 -20.40 6.58
N GLU B 57 -5.68 -21.01 5.77
CA GLU B 57 -7.12 -20.89 6.01
C GLU B 57 -7.51 -21.37 7.40
N GLN B 58 -7.02 -22.54 7.79
CA GLN B 58 -7.37 -23.08 9.11
C GLN B 58 -7.05 -22.10 10.21
N ARG B 59 -5.97 -21.34 10.06
CA ARG B 59 -5.46 -20.50 11.13
C ARG B 59 -5.99 -19.07 11.08
N ALA B 60 -6.52 -18.66 9.93
CA ALA B 60 -7.05 -17.32 9.76
C ALA B 60 -8.30 -17.11 10.60
N THR B 61 -8.38 -15.95 11.24
CA THR B 61 -9.57 -15.55 11.97
C THR B 61 -9.99 -14.16 11.52
N ALA B 62 -11.28 -13.87 11.69
CA ALA B 62 -11.79 -12.54 11.39
C ALA B 62 -11.05 -11.51 12.24
N GLY B 63 -10.32 -10.63 11.58
CA GLY B 63 -9.56 -9.59 12.27
C GLY B 63 -8.24 -10.04 12.85
N GLY B 64 -7.76 -11.23 12.50
CA GLY B 64 -6.48 -11.70 12.98
C GLY B 64 -5.38 -11.44 11.96
N PHE B 65 -4.15 -11.36 12.46
CA PHE B 65 -2.98 -11.08 11.62
C PHE B 65 -2.12 -12.34 11.48
N LEU B 66 -1.76 -12.66 10.24
CA LEU B 66 -0.93 -13.82 9.90
C LEU B 66 0.33 -13.32 9.18
N ILE B 67 1.46 -13.94 9.49
CA ILE B 67 2.72 -13.71 8.76
C ILE B 67 3.10 -15.05 8.14
N THR B 68 3.36 -15.05 6.84
CA THR B 68 3.74 -16.30 6.17
C THR B 68 5.13 -16.78 6.60
N GLU B 69 5.37 -18.01 6.20
CA GLU B 69 6.72 -18.56 6.29
C GLU B 69 7.68 -17.71 5.46
N GLY B 70 8.97 -17.78 5.78
CA GLY B 70 9.98 -17.07 4.99
C GLY B 70 9.82 -17.39 3.51
N THR B 71 9.90 -16.37 2.67
CA THR B 71 9.65 -16.56 1.23
C THR B 71 10.87 -16.07 0.46
N MET B 72 11.32 -16.82 -0.54
CA MET B 72 12.50 -16.55 -1.36
C MET B 72 12.39 -15.23 -2.12
N ILE B 73 13.39 -14.48 -2.25
CA ILE B 73 13.37 -13.20 -3.02
C ILE B 73 14.17 -13.38 -4.31
N SER B 74 14.83 -14.53 -4.44
CA SER B 74 15.71 -14.78 -5.61
C SER B 74 16.09 -16.26 -5.63
N PRO B 75 16.60 -16.77 -6.76
CA PRO B 75 17.05 -18.16 -6.82
C PRO B 75 18.23 -18.49 -5.89
N THR B 76 18.99 -17.50 -5.40
CA THR B 76 20.09 -17.74 -4.48
C THR B 76 19.70 -17.58 -3.02
N SER B 77 18.44 -17.32 -2.73
CA SER B 77 18.05 -16.91 -1.40
C SER B 77 17.66 -18.08 -0.49
N ALA B 78 17.67 -19.34 -0.96
CA ALA B 78 17.12 -20.43 -0.18
C ALA B 78 18.20 -21.29 0.49
N GLY B 79 17.89 -21.73 1.71
CA GLY B 79 18.74 -22.62 2.48
C GLY B 79 17.99 -23.78 3.10
N PHE B 80 16.79 -24.07 2.61
CA PHE B 80 15.87 -25.10 3.08
C PHE B 80 15.16 -25.70 1.88
N PRO B 81 14.71 -26.95 1.97
CA PRO B 81 14.00 -27.56 0.84
C PRO B 81 12.56 -27.09 0.76
N HIS B 82 12.09 -26.91 -0.47
CA HIS B 82 10.66 -26.69 -0.75
C HIS B 82 10.08 -25.49 0.02
N VAL B 83 10.85 -24.41 0.07
CA VAL B 83 10.34 -23.15 0.62
C VAL B 83 9.80 -22.32 -0.54
N PRO B 84 8.71 -21.59 -0.35
CA PRO B 84 8.13 -20.83 -1.46
C PRO B 84 8.99 -19.64 -1.83
N GLY B 85 8.89 -19.25 -3.09
CA GLY B 85 9.42 -17.99 -3.56
C GLY B 85 8.29 -17.02 -3.89
N ILE B 86 8.67 -15.78 -4.14
CA ILE B 86 7.74 -14.81 -4.69
C ILE B 86 8.47 -13.94 -5.70
N PHE B 87 9.48 -14.53 -6.36
CA PHE B 87 10.24 -13.83 -7.38
C PHE B 87 9.85 -14.18 -8.82
N THR B 88 8.93 -15.11 -9.05
CA THR B 88 8.46 -15.45 -10.39
C THR B 88 6.97 -15.17 -10.53
N LYS B 89 6.53 -15.02 -11.78
CA LYS B 89 5.11 -14.76 -12.00
C LYS B 89 4.26 -15.97 -11.64
N GLU B 90 4.80 -17.19 -11.83
CA GLU B 90 4.06 -18.37 -11.41
C GLU B 90 3.84 -18.40 -9.90
N GLN B 91 4.87 -18.03 -9.13
CA GLN B 91 4.73 -17.99 -7.68
C GLN B 91 3.69 -16.96 -7.26
N VAL B 92 3.67 -15.81 -7.93
CA VAL B 92 2.66 -14.78 -7.62
C VAL B 92 1.26 -15.33 -7.86
N ARG B 93 1.05 -15.99 -8.99
CA ARG B 93 -0.29 -16.51 -9.30
C ARG B 93 -0.75 -17.51 -8.25
N GLU B 94 0.16 -18.33 -7.74
CA GLU B 94 -0.22 -19.32 -6.74
C GLU B 94 -0.46 -18.69 -5.37
N TRP B 95 0.38 -17.72 -4.99
CA TRP B 95 0.15 -17.01 -3.73
C TRP B 95 -1.17 -16.28 -3.73
N LYS B 96 -1.58 -15.77 -4.89
CA LYS B 96 -2.84 -15.03 -4.98
C LYS B 96 -4.02 -15.88 -4.50
N LYS B 97 -4.00 -17.17 -4.80
CA LYS B 97 -5.12 -18.01 -4.38
C LYS B 97 -5.12 -18.22 -2.87
N ILE B 98 -3.92 -18.26 -2.27
CA ILE B 98 -3.80 -18.40 -0.82
C ILE B 98 -4.26 -17.12 -0.12
N VAL B 99 -3.78 -15.97 -0.61
CA VAL B 99 -4.20 -14.68 -0.06
C VAL B 99 -5.71 -14.54 -0.13
N ASP B 100 -6.31 -15.00 -1.22
CA ASP B 100 -7.79 -14.90 -1.38
C ASP B 100 -8.51 -15.69 -0.30
N VAL B 101 -8.09 -16.91 -0.05
CA VAL B 101 -8.75 -17.80 0.96
C VAL B 101 -8.61 -17.20 2.36
N VAL B 102 -7.51 -16.49 2.62
CA VAL B 102 -7.27 -15.89 3.96
C VAL B 102 -8.13 -14.63 4.06
N HIS B 103 -8.19 -13.87 2.99
CA HIS B 103 -8.99 -12.65 3.03
C HIS B 103 -10.48 -12.96 3.11
N ALA B 104 -10.91 -14.11 2.59
CA ALA B 104 -12.30 -14.54 2.75
C ALA B 104 -12.66 -14.84 4.19
N LYS B 105 -11.68 -15.16 5.04
CA LYS B 105 -11.92 -15.29 6.47
C LYS B 105 -11.79 -13.97 7.23
N GLY B 106 -11.57 -12.85 6.54
CA GLY B 106 -11.40 -11.56 7.18
C GLY B 106 -10.07 -11.34 7.87
N ALA B 107 -9.03 -12.10 7.52
CA ALA B 107 -7.74 -11.93 8.16
C ALA B 107 -6.84 -11.00 7.35
N VAL B 108 -5.80 -10.49 8.02
CA VAL B 108 -4.73 -9.69 7.41
C VAL B 108 -3.50 -10.58 7.30
N ILE B 109 -2.78 -10.50 6.16
CA ILE B 109 -1.67 -11.42 5.93
C ILE B 109 -0.49 -10.68 5.28
N PHE B 110 0.70 -10.81 5.88
CA PHE B 110 1.94 -10.27 5.35
C PHE B 110 2.82 -11.42 4.88
N CYS B 111 3.56 -11.21 3.79
CA CYS B 111 4.53 -12.19 3.31
C CYS B 111 5.91 -11.84 3.86
N GLN B 112 6.56 -12.79 4.54
CA GLN B 112 7.92 -12.53 5.01
C GLN B 112 8.90 -12.78 3.88
N LEU B 113 9.81 -11.82 3.65
CA LEU B 113 10.81 -11.94 2.59
C LEU B 113 12.13 -12.36 3.22
N TRP B 114 12.70 -13.47 2.74
CA TRP B 114 13.76 -14.20 3.43
C TRP B 114 14.90 -14.54 2.47
N HIS B 115 16.09 -14.03 2.77
CA HIS B 115 17.33 -14.49 2.12
C HIS B 115 18.23 -15.08 3.21
N VAL B 116 18.66 -16.33 2.99
CA VAL B 116 19.49 -17.04 3.98
C VAL B 116 20.96 -16.64 3.99
N GLY B 117 21.47 -15.99 2.96
CA GLY B 117 22.88 -15.66 2.97
C GLY B 117 23.75 -16.92 3.02
N ARG B 118 24.73 -16.91 3.92
CA ARG B 118 25.69 -18.00 4.01
C ARG B 118 25.10 -19.28 4.58
N ALA B 119 23.88 -19.24 5.10
CA ALA B 119 23.19 -20.41 5.63
C ALA B 119 22.50 -21.21 4.52
N SER B 120 23.32 -21.67 3.58
CA SER B 120 22.85 -22.44 2.45
C SER B 120 23.86 -23.53 2.14
N HIS B 121 23.63 -24.21 1.02
CA HIS B 121 24.48 -25.30 0.58
C HIS B 121 24.43 -25.27 -0.94
N GLU B 122 25.48 -25.82 -1.57
CA GLU B 122 25.52 -25.86 -3.02
C GLU B 122 24.30 -26.55 -3.62
N VAL B 123 23.72 -27.53 -2.92
CA VAL B 123 22.52 -28.22 -3.39
C VAL B 123 21.33 -27.28 -3.55
N TYR B 124 21.32 -26.16 -2.84
CA TYR B 124 20.25 -25.18 -2.89
C TYR B 124 20.55 -24.00 -3.78
N GLN B 125 21.72 -23.99 -4.46
CA GLN B 125 22.12 -22.83 -5.22
C GLN B 125 22.12 -23.14 -6.71
N PRO B 126 21.76 -22.17 -7.56
CA PRO B 126 21.90 -22.38 -9.00
C PRO B 126 23.33 -22.75 -9.31
N ALA B 127 23.48 -23.72 -10.22
CA ALA B 127 24.77 -24.25 -10.67
C ALA B 127 25.59 -24.83 -9.52
N GLY B 128 24.98 -25.03 -8.35
CA GLY B 128 25.77 -25.48 -7.21
C GLY B 128 26.82 -24.49 -6.76
N ALA B 129 26.56 -23.19 -6.92
CA ALA B 129 27.50 -22.14 -6.60
C ALA B 129 27.55 -21.87 -5.08
N ALA B 130 28.54 -21.06 -4.68
CA ALA B 130 28.70 -20.73 -3.26
C ALA B 130 27.57 -19.79 -2.84
N PRO B 131 26.96 -20.04 -1.68
CA PRO B 131 26.06 -19.02 -1.11
C PRO B 131 26.77 -17.70 -0.93
N ILE B 132 25.98 -16.62 -0.86
CA ILE B 132 26.54 -15.28 -0.73
C ILE B 132 26.39 -14.78 0.70
N SER B 133 27.23 -13.82 1.07
CA SER B 133 27.21 -13.29 2.43
C SER B 133 27.96 -11.97 2.48
N SER B 134 27.94 -11.36 3.68
CA SER B 134 28.80 -10.22 3.95
C SER B 134 30.26 -10.64 4.04
N THR B 135 30.50 -11.93 4.29
CA THR B 135 31.79 -12.43 4.73
C THR B 135 32.17 -13.67 3.93
N GLU B 136 33.45 -14.00 3.95
CA GLU B 136 33.89 -15.29 3.44
C GLU B 136 33.85 -16.37 4.51
N LYS B 137 33.60 -16.01 5.76
CA LYS B 137 33.64 -16.97 6.86
C LYS B 137 32.42 -17.89 6.79
N PRO B 138 32.60 -19.21 6.86
CA PRO B 138 31.44 -20.09 6.93
C PRO B 138 30.89 -20.11 8.34
N ILE B 139 29.63 -20.57 8.42
CA ILE B 139 29.09 -20.95 9.73
C ILE B 139 29.95 -22.09 10.27
N SER B 140 30.17 -22.11 11.57
CA SER B 140 31.02 -23.17 12.12
C SER B 140 30.28 -24.51 12.19
N ASN B 141 31.03 -25.57 12.52
CA ASN B 141 30.49 -26.93 12.56
C ASN B 141 29.60 -27.20 13.77
N ARG B 142 29.39 -26.22 14.63
CA ARG B 142 28.36 -26.37 15.66
C ARG B 142 26.97 -26.48 15.04
N TRP B 143 26.79 -26.00 13.82
CA TRP B 143 25.49 -25.99 13.16
C TRP B 143 25.53 -26.82 11.89
N ARG B 144 24.41 -27.46 11.59
CA ARG B 144 24.23 -28.24 10.38
C ARG B 144 23.04 -27.70 9.59
N ILE B 145 23.07 -27.92 8.27
CA ILE B 145 21.97 -27.55 7.40
C ILE B 145 21.10 -28.76 7.12
N LEU B 146 19.80 -28.56 7.11
CA LEU B 146 18.91 -29.61 6.64
C LEU B 146 19.08 -29.78 5.13
N MET B 147 19.32 -31.02 4.70
CA MET B 147 19.53 -31.31 3.28
C MET B 147 18.24 -31.83 2.67
N PRO B 148 18.13 -31.85 1.33
CA PRO B 148 16.87 -32.31 0.71
C PRO B 148 16.50 -33.74 1.03
N ASP B 149 17.44 -34.58 1.47
CA ASP B 149 17.17 -35.97 1.78
C ASP B 149 16.94 -36.23 3.28
N GLY B 150 16.72 -35.19 4.06
CA GLY B 150 16.48 -35.34 5.49
C GLY B 150 17.73 -35.29 6.35
N THR B 151 18.91 -35.51 5.77
CA THR B 151 20.14 -35.50 6.53
C THR B 151 20.61 -34.08 6.79
N HIS B 152 21.74 -33.95 7.49
CA HIS B 152 22.25 -32.66 7.93
C HIS B 152 23.71 -32.52 7.51
N GLY B 153 24.01 -31.47 6.76
CA GLY B 153 25.32 -31.27 6.18
C GLY B 153 26.08 -30.11 6.79
N ILE B 154 27.31 -29.98 6.35
CA ILE B 154 28.21 -28.91 6.80
C ILE B 154 27.99 -27.68 5.93
N TYR B 155 27.90 -26.51 6.55
CA TYR B 155 27.77 -25.28 5.76
C TYR B 155 29.06 -24.97 5.03
N PRO B 156 29.00 -24.64 3.74
CA PRO B 156 30.22 -24.31 3.00
C PRO B 156 30.66 -22.87 3.23
N LYS B 157 31.83 -22.56 2.69
CA LYS B 157 32.31 -21.19 2.70
C LYS B 157 31.48 -20.35 1.74
N PRO B 158 30.99 -19.19 2.15
CA PRO B 158 30.24 -18.32 1.24
C PRO B 158 31.19 -17.40 0.48
N ARG B 159 30.62 -16.72 -0.51
CA ARG B 159 31.30 -15.70 -1.28
C ARG B 159 30.84 -14.35 -0.75
N ALA B 160 31.79 -13.48 -0.43
CA ALA B 160 31.48 -12.15 0.07
C ALA B 160 31.14 -11.23 -1.10
N ILE B 161 29.99 -10.57 -1.02
CA ILE B 161 29.51 -9.79 -2.15
C ILE B 161 30.01 -8.35 -2.07
N GLY B 162 30.22 -7.74 -3.24
CA GLY B 162 30.61 -6.35 -3.32
C GLY B 162 29.43 -5.41 -3.33
N THR B 163 29.76 -4.12 -3.45
CA THR B 163 28.74 -3.07 -3.33
C THR B 163 27.72 -3.13 -4.47
N TYR B 164 28.15 -3.46 -5.69
CA TYR B 164 27.18 -3.60 -6.76
C TYR B 164 26.22 -4.76 -6.49
N GLU B 165 26.77 -5.92 -6.11
CA GLU B 165 25.91 -7.06 -5.81
C GLU B 165 24.98 -6.75 -4.63
N ILE B 166 25.47 -6.00 -3.64
CA ILE B 166 24.60 -5.61 -2.52
C ILE B 166 23.38 -4.84 -3.06
N SER B 167 23.63 -3.87 -3.94
CA SER B 167 22.52 -3.13 -4.54
C SER B 167 21.58 -4.03 -5.34
N GLN B 168 22.12 -5.09 -5.96
CA GLN B 168 21.23 -6.02 -6.63
C GLN B 168 20.39 -6.82 -5.64
N VAL B 169 20.97 -7.22 -4.51
CA VAL B 169 20.16 -7.94 -3.51
C VAL B 169 19.04 -7.04 -2.99
N VAL B 170 19.36 -5.77 -2.71
CA VAL B 170 18.33 -4.80 -2.34
C VAL B 170 17.23 -4.75 -3.40
N GLU B 171 17.61 -4.70 -4.68
CA GLU B 171 16.62 -4.71 -5.75
C GLU B 171 15.78 -5.98 -5.74
N ASP B 172 16.39 -7.12 -5.38
CA ASP B 172 15.62 -8.36 -5.30
C ASP B 172 14.55 -8.26 -4.19
N TYR B 173 14.91 -7.69 -3.04
CA TYR B 173 13.90 -7.39 -2.03
C TYR B 173 12.81 -6.49 -2.58
N ARG B 174 13.19 -5.43 -3.28
CA ARG B 174 12.21 -4.48 -3.82
C ARG B 174 11.25 -5.18 -4.79
N ARG B 175 11.82 -5.97 -5.71
CA ARG B 175 10.98 -6.65 -6.68
C ARG B 175 10.06 -7.65 -6.02
N SER B 176 10.55 -8.35 -4.99
CA SER B 176 9.69 -9.30 -4.29
C SER B 176 8.58 -8.60 -3.49
N ALA B 177 8.88 -7.44 -2.93
CA ALA B 177 7.84 -6.65 -2.26
C ALA B 177 6.74 -6.26 -3.25
N LEU B 178 7.14 -5.78 -4.45
CA LEU B 178 6.14 -5.46 -5.46
C LEU B 178 5.33 -6.70 -5.82
N ASN B 179 6.01 -7.84 -5.97
CA ASN B 179 5.28 -9.06 -6.31
C ASN B 179 4.30 -9.46 -5.22
N ALA B 180 4.69 -9.27 -3.95
CA ALA B 180 3.77 -9.60 -2.86
C ALA B 180 2.50 -8.75 -2.94
N ILE B 181 2.68 -7.46 -3.25
CA ILE B 181 1.53 -6.56 -3.38
C ILE B 181 0.68 -6.95 -4.60
N GLU B 182 1.33 -7.40 -5.69
CA GLU B 182 0.61 -7.94 -6.85
C GLU B 182 -0.23 -9.15 -6.49
N ALA B 183 0.29 -9.99 -5.58
CA ALA B 183 -0.47 -11.16 -5.16
C ALA B 183 -1.58 -10.82 -4.18
N GLY B 184 -1.67 -9.57 -3.75
CA GLY B 184 -2.72 -9.11 -2.85
C GLY B 184 -2.39 -9.14 -1.38
N PHE B 185 -1.15 -9.47 -1.01
CA PHE B 185 -0.75 -9.41 0.39
C PHE B 185 -0.99 -8.00 0.94
N ASP B 186 -1.36 -7.93 2.21
CA ASP B 186 -1.53 -6.63 2.85
C ASP B 186 -0.21 -5.93 3.12
N GLY B 187 0.90 -6.69 3.09
CA GLY B 187 2.20 -6.09 3.30
C GLY B 187 3.24 -7.18 3.30
N ILE B 188 4.48 -6.79 3.60
CA ILE B 188 5.57 -7.74 3.71
C ILE B 188 6.31 -7.52 5.03
N GLU B 189 7.06 -8.54 5.44
CA GLU B 189 7.94 -8.46 6.61
C GLU B 189 9.38 -8.72 6.17
N ILE B 190 10.28 -7.79 6.47
CA ILE B 190 11.71 -7.99 6.19
C ILE B 190 12.30 -8.90 7.25
N HIS B 191 12.82 -10.06 6.83
CA HIS B 191 13.43 -10.99 7.77
C HIS B 191 14.88 -10.58 7.98
N GLY B 192 15.15 -9.89 9.10
CA GLY B 192 16.52 -9.47 9.45
C GLY B 192 16.98 -10.19 10.69
N ALA B 193 16.49 -11.41 10.89
CA ALA B 193 16.77 -12.14 12.14
C ALA B 193 17.44 -13.50 11.94
N HIS B 194 17.73 -14.18 13.06
CA HIS B 194 18.19 -15.60 13.07
C HIS B 194 19.46 -15.94 12.28
N GLY B 195 20.39 -15.02 12.11
CA GLY B 195 21.68 -15.34 11.46
C GLY B 195 21.56 -15.53 9.97
N TYR B 196 20.52 -14.96 9.37
CA TYR B 196 20.37 -15.02 7.90
C TYR B 196 21.05 -13.80 7.26
N LEU B 197 20.85 -13.57 5.97
CA LEU B 197 21.67 -12.55 5.26
C LEU B 197 21.73 -11.21 5.97
N ILE B 198 20.58 -10.62 6.29
CA ILE B 198 20.65 -9.26 6.91
C ILE B 198 21.42 -9.35 8.23
N ASP B 199 21.13 -10.38 9.03
CA ASP B 199 21.82 -10.57 10.33
C ASP B 199 23.35 -10.74 10.11
N GLN B 200 23.75 -11.34 9.00
CA GLN B 200 25.19 -11.52 8.68
C GLN B 200 25.85 -10.16 8.44
N PHE B 201 25.09 -9.13 8.08
CA PHE B 201 25.63 -7.78 8.03
C PHE B 201 25.52 -7.07 9.37
N LEU B 202 24.46 -7.35 10.13
CA LEU B 202 24.23 -6.68 11.40
C LEU B 202 25.24 -7.11 12.46
N LYS B 203 25.50 -8.42 12.59
CA LYS B 203 26.19 -8.95 13.76
C LYS B 203 27.70 -8.85 13.63
N ASP B 204 28.37 -8.32 14.67
CA ASP B 204 29.82 -8.24 14.61
C ASP B 204 30.52 -9.59 14.80
N GLY B 205 29.78 -10.64 15.14
CA GLY B 205 30.34 -11.98 15.14
C GLY B 205 30.40 -12.63 13.77
N ILE B 206 29.80 -11.97 12.77
CA ILE B 206 29.80 -12.45 11.39
C ILE B 206 30.45 -11.43 10.45
N ASN B 207 30.07 -10.17 10.57
CA ASN B 207 30.48 -9.14 9.63
C ASN B 207 31.91 -8.71 9.95
N ASP B 208 32.86 -9.23 9.15
CA ASP B 208 34.25 -8.81 9.23
C ASP B 208 34.67 -7.92 8.06
N ARG B 209 33.73 -7.22 7.44
CA ARG B 209 34.05 -6.41 6.28
C ARG B 209 34.85 -5.18 6.69
N THR B 210 35.58 -4.65 5.72
CA THR B 210 36.37 -3.43 5.91
C THR B 210 35.88 -2.27 5.05
N ASP B 211 34.80 -2.44 4.31
CA ASP B 211 34.29 -1.37 3.48
C ASP B 211 33.18 -0.62 4.22
N GLU B 212 32.38 0.16 3.50
CA GLU B 212 31.36 1.00 4.11
C GLU B 212 30.21 0.20 4.73
N TYR B 213 30.24 -1.13 4.64
CA TYR B 213 29.21 -2.00 5.23
C TYR B 213 29.71 -2.77 6.45
N GLY B 214 30.91 -2.45 6.96
CA GLY B 214 31.46 -3.20 8.06
C GLY B 214 32.15 -2.29 9.05
N GLY B 215 32.49 -2.87 10.20
CA GLY B 215 33.16 -2.15 11.29
C GLY B 215 32.15 -1.56 12.27
N SER B 216 31.96 -0.24 12.19
CA SER B 216 31.13 0.47 13.15
C SER B 216 29.69 -0.06 13.11
N LEU B 217 28.95 0.25 14.18
CA LEU B 217 27.53 -0.07 14.20
C LEU B 217 26.79 0.59 13.04
N ALA B 218 27.09 1.87 12.78
CA ALA B 218 26.44 2.56 11.68
C ALA B 218 26.62 1.81 10.36
N ASN B 219 27.84 1.36 10.09
CA ASN B 219 28.11 0.66 8.84
C ASN B 219 27.42 -0.70 8.81
N ARG B 220 27.41 -1.40 9.95
CA ARG B 220 26.77 -2.72 9.98
C ARG B 220 25.25 -2.60 9.77
N CYS B 221 24.68 -1.44 10.10
CA CYS B 221 23.26 -1.20 9.88
C CYS B 221 22.93 -0.70 8.48
N LYS B 222 23.93 -0.49 7.61
CA LYS B 222 23.66 0.08 6.30
C LYS B 222 22.79 -0.84 5.45
N PHE B 223 23.08 -2.14 5.47
CA PHE B 223 22.36 -3.07 4.60
C PHE B 223 20.87 -3.11 4.96
N ILE B 224 20.55 -3.31 6.23
CA ILE B 224 19.14 -3.35 6.60
C ILE B 224 18.45 -2.03 6.31
N THR B 225 19.15 -0.91 6.49
CA THR B 225 18.54 0.38 6.20
C THR B 225 18.22 0.48 4.73
N GLN B 226 19.15 0.03 3.88
CA GLN B 226 18.95 0.12 2.44
C GLN B 226 17.83 -0.79 1.98
N VAL B 227 17.76 -2.00 2.53
CA VAL B 227 16.66 -2.93 2.23
C VAL B 227 15.32 -2.30 2.62
N VAL B 228 15.20 -1.85 3.87
CA VAL B 228 13.93 -1.26 4.31
C VAL B 228 13.58 -0.05 3.47
N GLN B 229 14.54 0.83 3.21
CA GLN B 229 14.25 2.02 2.41
C GLN B 229 13.76 1.65 1.01
N ALA B 230 14.37 0.65 0.39
CA ALA B 230 13.93 0.29 -0.96
C ALA B 230 12.50 -0.23 -0.97
N VAL B 231 12.14 -1.05 0.02
CA VAL B 231 10.80 -1.61 0.05
C VAL B 231 9.77 -0.54 0.40
N VAL B 232 10.10 0.33 1.38
CA VAL B 232 9.24 1.47 1.71
C VAL B 232 8.98 2.34 0.49
N SER B 233 10.03 2.61 -0.31
CA SER B 233 9.87 3.47 -1.48
C SER B 233 9.12 2.78 -2.62
N ALA B 234 8.96 1.46 -2.58
CA ALA B 234 8.19 0.70 -3.56
C ALA B 234 6.73 0.54 -3.17
N ILE B 235 6.41 0.26 -1.91
CA ILE B 235 5.06 -0.15 -1.54
C ILE B 235 4.46 0.69 -0.42
N GLY B 236 5.21 1.62 0.16
CA GLY B 236 4.76 2.44 1.27
C GLY B 236 5.12 1.86 2.63
N ALA B 237 5.51 2.72 3.56
CA ALA B 237 5.96 2.24 4.89
C ALA B 237 4.87 1.47 5.61
N ASP B 238 3.61 1.87 5.43
CA ASP B 238 2.49 1.19 6.08
C ASP B 238 2.40 -0.29 5.76
N ARG B 239 2.99 -0.74 4.65
CA ARG B 239 2.92 -2.15 4.25
C ARG B 239 4.22 -2.90 4.51
N VAL B 240 5.08 -2.37 5.40
CA VAL B 240 6.39 -2.98 5.65
C VAL B 240 6.56 -3.20 7.17
N GLY B 241 6.75 -4.45 7.56
CA GLY B 241 7.17 -4.76 8.93
C GLY B 241 8.63 -5.22 8.91
N VAL B 242 9.32 -5.15 10.04
CA VAL B 242 10.73 -5.53 10.13
C VAL B 242 10.90 -6.48 11.31
N ARG B 243 11.61 -7.58 11.09
CA ARG B 243 11.89 -8.56 12.14
C ARG B 243 13.38 -8.66 12.43
N VAL B 244 13.74 -8.59 13.70
CA VAL B 244 15.14 -8.71 14.12
C VAL B 244 15.23 -9.58 15.38
N SER B 245 16.47 -10.04 15.64
CA SER B 245 16.76 -10.91 16.78
C SER B 245 18.15 -10.57 17.29
N PRO B 246 18.25 -9.55 18.15
CA PRO B 246 19.56 -8.95 18.44
C PRO B 246 20.45 -9.80 19.35
N ALA B 247 19.88 -10.70 20.15
CA ALA B 247 20.64 -11.42 21.17
C ALA B 247 20.45 -12.93 20.97
N ILE B 248 21.26 -13.49 20.07
CA ILE B 248 21.16 -14.94 19.70
C ILE B 248 22.54 -15.50 19.39
N ASP B 249 22.63 -16.83 19.24
CA ASP B 249 23.90 -17.46 18.80
C ASP B 249 23.61 -18.37 17.61
N HIS B 250 22.37 -18.41 17.15
CA HIS B 250 22.01 -19.25 15.98
C HIS B 250 22.93 -18.92 14.81
N LEU B 251 23.52 -19.95 14.21
CA LEU B 251 24.38 -19.79 13.01
C LEU B 251 25.51 -18.81 13.29
N ASP B 252 26.01 -18.81 14.52
CA ASP B 252 27.17 -17.97 14.92
C ASP B 252 26.84 -16.48 14.82
N ALA B 253 25.55 -16.13 14.91
CA ALA B 253 25.10 -14.73 14.75
C ALA B 253 25.13 -13.98 16.06
N MET B 254 26.26 -14.02 16.74
CA MET B 254 26.38 -13.32 18.03
C MET B 254 26.88 -11.89 17.81
N ASP B 255 26.42 -10.97 18.65
CA ASP B 255 26.96 -9.58 18.64
C ASP B 255 27.55 -9.34 20.02
N SER B 256 28.62 -8.54 20.09
CA SER B 256 29.28 -8.25 21.35
C SER B 256 28.51 -7.27 22.23
N ASN B 257 27.46 -6.65 21.70
CA ASN B 257 26.60 -5.76 22.48
C ASN B 257 25.21 -5.74 21.88
N PRO B 258 24.42 -6.78 22.14
CA PRO B 258 23.07 -6.86 21.53
C PRO B 258 22.20 -5.64 21.77
N LEU B 259 22.31 -5.03 22.94
CA LEU B 259 21.47 -3.87 23.23
C LEU B 259 21.83 -2.69 22.33
N SER B 260 23.13 -2.40 22.20
CA SER B 260 23.51 -1.28 21.35
C SER B 260 23.18 -1.54 19.89
N LEU B 261 23.27 -2.79 19.45
CA LEU B 261 22.87 -3.12 18.09
C LEU B 261 21.38 -2.93 17.88
N GLY B 262 20.57 -3.47 18.80
CA GLY B 262 19.13 -3.31 18.69
C GLY B 262 18.72 -1.85 18.66
N LEU B 263 19.33 -1.03 19.52
CA LEU B 263 18.98 0.39 19.54
C LEU B 263 19.42 1.09 18.27
N ALA B 264 20.56 0.70 17.69
CA ALA B 264 20.99 1.30 16.44
C ALA B 264 20.02 0.95 15.31
N VAL B 265 19.53 -0.29 15.29
CA VAL B 265 18.50 -0.65 14.30
C VAL B 265 17.23 0.17 14.53
N VAL B 266 16.79 0.26 15.79
CA VAL B 266 15.58 1.01 16.08
C VAL B 266 15.71 2.46 15.65
N GLU B 267 16.87 3.07 15.91
CA GLU B 267 17.09 4.45 15.54
C GLU B 267 16.98 4.62 14.02
N ARG B 268 17.52 3.68 13.27
CA ARG B 268 17.42 3.82 11.82
C ARG B 268 15.99 3.65 11.34
N LEU B 269 15.22 2.74 11.95
CA LEU B 269 13.81 2.61 11.58
C LEU B 269 13.02 3.87 11.92
N ASN B 270 13.30 4.47 13.10
CA ASN B 270 12.62 5.70 13.47
C ASN B 270 12.95 6.81 12.49
N LYS B 271 14.22 6.87 12.04
CA LYS B 271 14.61 7.89 11.06
C LYS B 271 13.95 7.65 9.72
N ILE B 272 13.89 6.39 9.27
CA ILE B 272 13.17 6.09 8.02
C ILE B 272 11.74 6.59 8.12
N GLN B 273 11.09 6.38 9.26
CA GLN B 273 9.70 6.82 9.42
C GLN B 273 9.62 8.33 9.33
N LEU B 274 10.54 9.03 10.00
CA LEU B 274 10.52 10.49 9.99
C LEU B 274 10.80 11.05 8.60
N HIS B 275 11.78 10.46 7.89
CA HIS B 275 12.10 10.93 6.55
C HIS B 275 11.01 10.57 5.56
N SER B 276 10.42 9.38 5.69
CA SER B 276 9.37 8.95 4.77
C SER B 276 8.03 9.60 5.06
N GLY B 277 7.83 10.10 6.28
CA GLY B 277 6.56 10.69 6.64
C GLY B 277 5.47 9.69 6.96
N SER B 278 5.82 8.47 7.36
CA SER B 278 4.84 7.42 7.59
C SER B 278 5.47 6.37 8.48
N LYS B 279 4.63 5.74 9.30
CA LYS B 279 5.09 4.68 10.17
C LYS B 279 5.17 3.36 9.41
N LEU B 280 6.16 2.54 9.78
CA LEU B 280 6.17 1.15 9.37
C LEU B 280 4.96 0.44 9.99
N ALA B 281 4.66 -0.74 9.46
CA ALA B 281 3.59 -1.56 10.02
C ALA B 281 3.92 -1.97 11.46
N TYR B 282 5.17 -2.39 11.71
CA TYR B 282 5.57 -2.82 13.05
C TYR B 282 7.06 -3.16 13.04
N LEU B 283 7.59 -3.30 14.26
CA LEU B 283 8.86 -3.96 14.57
C LEU B 283 8.53 -5.24 15.32
N HIS B 284 9.17 -6.35 14.92
CA HIS B 284 8.90 -7.69 15.43
C HIS B 284 10.23 -8.21 15.96
N VAL B 285 10.31 -8.52 17.26
CA VAL B 285 11.57 -8.92 17.89
C VAL B 285 11.35 -10.24 18.60
N THR B 286 12.28 -11.19 18.42
CA THR B 286 12.26 -12.42 19.20
C THR B 286 13.08 -12.28 20.48
N GLN B 287 12.63 -12.81 21.73
CA GLN B 287 13.25 -12.88 23.04
C GLN B 287 14.68 -13.39 22.91
N PRO B 288 15.59 -12.81 23.53
CA PRO B 288 16.97 -13.32 23.50
C PRO B 288 17.00 -14.81 23.81
N ARG B 289 17.83 -15.54 23.07
CA ARG B 289 17.91 -16.98 23.26
C ARG B 289 19.26 -17.47 22.77
N TYR B 290 20.05 -18.02 23.69
CA TYR B 290 21.31 -18.67 23.37
C TYR B 290 21.16 -20.16 23.62
N VAL B 291 21.90 -20.95 22.85
CA VAL B 291 21.78 -22.40 22.96
C VAL B 291 23.11 -23.08 22.70
N ALA B 292 24.15 -22.30 22.41
CA ALA B 292 25.44 -22.87 22.03
C ALA B 292 26.61 -22.25 22.81
N TYR B 293 26.67 -20.92 22.85
CA TYR B 293 27.82 -20.20 23.42
C TYR B 293 27.40 -19.32 24.59
N GLY B 294 26.16 -19.48 25.07
CA GLY B 294 25.69 -18.75 26.21
C GLY B 294 24.67 -19.58 26.95
N GLN B 295 24.34 -19.12 28.15
CA GLN B 295 23.43 -19.89 29.04
C GLN B 295 21.99 -19.85 28.53
N THR B 296 21.26 -20.93 28.73
CA THR B 296 19.82 -20.96 28.39
C THR B 296 19.06 -20.31 29.54
N GLU B 297 17.85 -19.81 29.27
CA GLU B 297 17.02 -19.25 30.35
C GLU B 297 16.80 -20.32 31.43
N ALA B 298 16.68 -21.58 31.01
CA ALA B 298 16.42 -22.68 31.97
C ALA B 298 17.62 -22.83 32.91
N GLY B 299 18.85 -22.66 32.41
CA GLY B 299 20.05 -22.75 33.26
C GLY B 299 19.96 -21.83 34.46
N ARG B 300 19.25 -20.72 34.32
CA ARG B 300 19.13 -19.73 35.42
C ARG B 300 17.78 -19.88 36.13
N LEU B 301 17.09 -21.02 35.94
CA LEU B 301 15.84 -21.32 36.71
C LEU B 301 15.07 -20.05 37.06
N GLU B 305 15.61 -10.92 33.56
CA GLU B 305 15.46 -9.45 33.78
C GLU B 305 16.28 -8.71 32.72
N GLU B 306 17.47 -9.21 32.40
CA GLU B 306 18.37 -8.52 31.43
C GLU B 306 17.80 -8.66 30.02
N GLU B 307 17.17 -9.80 29.75
CA GLU B 307 16.59 -10.06 28.40
C GLU B 307 15.28 -9.29 28.29
N ALA B 308 14.53 -9.22 29.39
CA ALA B 308 13.29 -8.44 29.41
C ALA B 308 13.70 -6.96 29.39
N ARG B 309 14.82 -6.64 30.02
CA ARG B 309 15.29 -5.23 29.91
C ARG B 309 15.55 -4.90 28.44
N LEU B 310 16.19 -5.80 27.71
CA LEU B 310 16.48 -5.60 26.26
C LEU B 310 15.16 -5.38 25.52
N MET B 311 14.24 -6.32 25.65
CA MET B 311 12.95 -6.23 24.91
C MET B 311 12.25 -4.93 25.30
N ARG B 312 12.21 -4.63 26.59
CA ARG B 312 11.50 -3.44 27.00
C ARG B 312 12.21 -2.19 26.51
N THR B 313 13.54 -2.19 26.52
CA THR B 313 14.28 -1.02 26.07
C THR B 313 14.06 -0.78 24.57
N LEU B 314 14.04 -1.85 23.77
CA LEU B 314 13.77 -1.69 22.33
C LEU B 314 12.34 -1.21 22.08
N ARG B 315 11.36 -1.82 22.74
CA ARG B 315 9.99 -1.36 22.62
C ARG B 315 9.88 0.13 22.97
N ASN B 316 10.51 0.54 24.07
CA ASN B 316 10.36 1.91 24.52
C ASN B 316 10.96 2.88 23.51
N ALA B 317 12.01 2.46 22.82
CA ALA B 317 12.69 3.32 21.88
C ALA B 317 12.04 3.32 20.51
N TYR B 318 11.27 2.30 20.15
CA TYR B 318 10.73 2.20 18.79
C TYR B 318 9.39 2.92 18.70
N GLN B 319 9.29 3.83 17.74
CA GLN B 319 8.10 4.67 17.58
C GLN B 319 7.07 3.98 16.68
N GLY B 320 6.45 2.94 17.23
CA GLY B 320 5.41 2.25 16.51
C GLY B 320 5.06 0.93 17.17
N THR B 321 4.30 0.13 16.42
CA THR B 321 3.76 -1.13 16.90
C THR B 321 4.88 -2.13 17.13
N PHE B 322 4.80 -2.84 18.26
CA PHE B 322 5.83 -3.80 18.65
C PHE B 322 5.19 -5.19 18.80
N ILE B 323 5.74 -6.16 18.06
CA ILE B 323 5.32 -7.55 18.15
C ILE B 323 6.45 -8.31 18.83
N CYS B 324 6.13 -8.94 19.96
CA CYS B 324 7.10 -9.81 20.63
C CYS B 324 6.85 -11.27 20.26
N SER B 325 7.91 -12.07 20.35
CA SER B 325 7.81 -13.48 19.99
C SER B 325 8.90 -14.25 20.71
N GLY B 326 8.66 -15.54 20.88
CA GLY B 326 9.67 -16.46 21.36
C GLY B 326 9.33 -17.00 22.73
N GLY B 327 8.73 -18.20 22.77
CA GLY B 327 8.39 -18.82 24.04
C GLY B 327 7.11 -18.33 24.70
N TYR B 328 6.24 -17.64 23.98
CA TYR B 328 5.04 -17.11 24.63
C TYR B 328 3.97 -18.19 24.79
N THR B 329 3.21 -18.06 25.87
CA THR B 329 2.04 -18.88 26.17
C THR B 329 0.83 -17.96 26.28
N ARG B 330 -0.33 -18.55 26.55
CA ARG B 330 -1.51 -17.74 26.82
C ARG B 330 -1.25 -16.73 27.94
N GLU B 331 -0.74 -17.21 29.09
CA GLU B 331 -0.56 -16.32 30.23
C GLU B 331 0.52 -15.27 29.96
N LEU B 332 1.65 -15.68 29.36
CA LEU B 332 2.73 -14.73 29.11
C LEU B 332 2.30 -13.67 28.08
N GLY B 333 1.43 -14.03 27.14
CA GLY B 333 0.97 -13.07 26.14
C GLY B 333 -0.01 -12.09 26.73
N ILE B 334 -0.91 -12.60 27.59
CA ILE B 334 -1.80 -11.73 28.34
C ILE B 334 -0.99 -10.72 29.13
N GLU B 335 0.06 -11.20 29.82
CA GLU B 335 0.89 -10.31 30.62
C GLU B 335 1.67 -9.31 29.76
N ALA B 336 2.20 -9.77 28.62
CA ALA B 336 2.96 -8.85 27.77
C ALA B 336 2.09 -7.69 27.29
N VAL B 337 0.85 -7.97 26.89
CA VAL B 337 -0.05 -6.92 26.44
C VAL B 337 -0.49 -6.04 27.60
N ALA B 338 -0.93 -6.64 28.70
CA ALA B 338 -1.45 -5.85 29.83
C ALA B 338 -0.38 -4.95 30.45
N GLN B 339 0.87 -5.41 30.49
CA GLN B 339 1.96 -4.63 31.07
C GLN B 339 2.57 -3.64 30.10
N GLY B 340 2.14 -3.66 28.84
CA GLY B 340 2.64 -2.72 27.87
C GLY B 340 3.95 -3.11 27.24
N ASP B 341 4.35 -4.38 27.38
CA ASP B 341 5.62 -4.83 26.83
C ASP B 341 5.55 -5.04 25.32
N ALA B 342 4.35 -5.28 24.80
CA ALA B 342 4.14 -5.41 23.37
C ALA B 342 2.71 -5.02 23.05
N ASP B 343 2.47 -4.80 21.76
CA ASP B 343 1.12 -4.57 21.26
C ASP B 343 0.49 -5.83 20.72
N LEU B 344 1.30 -6.68 20.08
CA LEU B 344 0.87 -7.95 19.55
C LEU B 344 1.89 -9.01 19.97
N VAL B 345 1.42 -10.25 20.04
CA VAL B 345 2.22 -11.38 20.45
C VAL B 345 2.12 -12.42 19.34
N SER B 346 3.26 -12.83 18.80
CA SER B 346 3.22 -13.87 17.79
C SER B 346 3.58 -15.22 18.38
N TYR B 347 2.87 -16.26 17.91
CA TYR B 347 3.06 -17.62 18.36
C TYR B 347 3.44 -18.49 17.17
N GLY B 348 4.44 -19.33 17.39
CA GLY B 348 4.93 -20.25 16.39
C GLY B 348 4.54 -21.70 16.65
N ARG B 349 5.31 -22.38 17.51
CA ARG B 349 5.12 -23.81 17.73
C ARG B 349 3.67 -24.17 18.10
N LEU B 350 3.03 -23.39 18.99
CA LEU B 350 1.65 -23.72 19.36
C LEU B 350 0.65 -23.49 18.24
N PHE B 351 0.98 -22.61 17.28
CA PHE B 351 0.10 -22.39 16.15
C PHE B 351 0.22 -23.50 15.10
N ILE B 352 1.36 -24.20 15.10
CA ILE B 352 1.52 -25.38 14.25
C ILE B 352 0.50 -26.44 14.65
N SER B 353 0.39 -26.73 15.94
CA SER B 353 -0.44 -27.82 16.43
C SER B 353 -1.88 -27.41 16.69
N ASN B 354 -2.18 -26.12 16.75
CA ASN B 354 -3.52 -25.64 17.07
C ASN B 354 -4.00 -24.72 15.96
N PRO B 355 -4.68 -25.27 14.94
CA PRO B 355 -5.25 -24.41 13.89
C PRO B 355 -6.12 -23.30 14.45
N ASP B 356 -6.97 -23.63 15.42
CA ASP B 356 -7.81 -22.64 16.10
C ASP B 356 -7.16 -22.13 17.39
N LEU B 357 -5.86 -21.86 17.39
CA LEU B 357 -5.18 -21.39 18.59
C LEU B 357 -5.84 -20.11 19.13
N VAL B 358 -6.30 -19.24 18.23
CA VAL B 358 -6.95 -18.00 18.67
C VAL B 358 -8.16 -18.32 19.55
N MET B 359 -9.02 -19.23 19.09
CA MET B 359 -10.21 -19.56 19.86
C MET B 359 -9.84 -20.30 21.15
N ARG B 360 -8.86 -21.20 21.09
CA ARG B 360 -8.45 -21.92 22.29
C ARG B 360 -7.93 -20.97 23.37
N ILE B 361 -7.19 -19.94 22.96
CA ILE B 361 -6.70 -18.95 23.91
C ILE B 361 -7.87 -18.15 24.48
N LYS B 362 -8.79 -17.72 23.62
CA LYS B 362 -9.98 -17.01 24.10
C LYS B 362 -10.73 -17.84 25.14
N LEU B 363 -11.01 -19.10 24.80
CA LEU B 363 -11.78 -19.99 25.66
C LEU B 363 -10.98 -20.55 26.83
N ASN B 364 -9.66 -20.39 26.81
CA ASN B 364 -8.78 -21.10 27.75
C ASN B 364 -8.98 -22.62 27.68
N ALA B 365 -9.16 -23.12 26.45
CA ALA B 365 -9.28 -24.55 26.21
C ALA B 365 -7.89 -25.20 26.20
N PRO B 366 -7.82 -26.52 26.32
CA PRO B 366 -6.52 -27.19 26.20
C PRO B 366 -5.94 -27.04 24.80
N LEU B 367 -4.64 -27.25 24.70
CA LEU B 367 -3.89 -27.06 23.46
C LEU B 367 -3.33 -28.39 23.00
N ASN B 368 -3.36 -28.62 21.68
CA ASN B 368 -2.74 -29.81 21.12
C ASN B 368 -1.22 -29.72 21.23
N LYS B 369 -0.61 -30.83 21.62
CA LYS B 369 0.85 -30.94 21.58
C LYS B 369 1.30 -30.90 20.12
N TYR B 370 2.55 -30.50 19.92
CA TYR B 370 3.13 -30.37 18.59
C TYR B 370 4.18 -31.46 18.34
N ASN B 371 4.27 -31.87 17.09
CA ASN B 371 5.14 -32.96 16.67
C ASN B 371 6.31 -32.39 15.87
N ARG B 372 7.47 -32.23 16.54
CA ARG B 372 8.63 -31.62 15.90
C ARG B 372 9.11 -32.44 14.71
N LYS B 373 8.87 -33.76 14.72
CA LYS B 373 9.33 -34.60 13.63
C LYS B 373 8.80 -34.13 12.27
N THR B 374 7.61 -33.55 12.24
CA THR B 374 6.98 -33.15 10.99
C THR B 374 6.98 -31.63 10.79
N PHE B 375 7.89 -30.90 11.44
CA PHE B 375 7.95 -29.46 11.25
C PHE B 375 8.40 -29.11 9.83
N TYR B 376 9.38 -29.85 9.29
CA TYR B 376 10.06 -29.51 8.06
C TYR B 376 9.95 -30.59 6.99
N THR B 377 9.04 -31.54 7.16
CA THR B 377 8.86 -32.58 6.15
C THR B 377 7.94 -32.05 5.05
N GLN B 378 7.70 -32.87 4.02
CA GLN B 378 7.06 -32.39 2.80
C GLN B 378 5.60 -32.79 2.65
N ASP B 379 5.06 -33.58 3.57
CA ASP B 379 3.71 -34.10 3.39
C ASP B 379 2.71 -32.96 3.46
N PRO B 380 1.81 -32.83 2.48
CA PRO B 380 0.83 -31.73 2.49
C PRO B 380 -0.20 -31.83 3.59
N VAL B 381 -0.32 -32.97 4.27
CA VAL B 381 -1.36 -33.14 5.26
C VAL B 381 -0.77 -33.57 6.60
N VAL B 382 0.04 -34.63 6.58
CA VAL B 382 0.61 -35.23 7.78
C VAL B 382 1.47 -34.23 8.54
N GLY B 383 1.03 -33.84 9.73
CA GLY B 383 1.75 -32.87 10.53
C GLY B 383 1.64 -31.44 10.04
N TYR B 384 0.68 -31.16 9.17
CA TYR B 384 0.55 -29.86 8.55
C TYR B 384 -0.88 -29.36 8.72
N THR B 385 -1.83 -30.07 8.14
CA THR B 385 -3.24 -29.68 8.22
C THR B 385 -4.09 -30.66 9.00
N ASP B 386 -3.49 -31.70 9.57
CA ASP B 386 -4.25 -32.74 10.25
C ASP B 386 -4.23 -32.59 11.77
N TYR B 387 -3.74 -31.48 12.29
CA TYR B 387 -3.93 -31.19 13.71
C TYR B 387 -5.39 -30.81 13.93
N PRO B 388 -6.03 -31.33 14.96
CA PRO B 388 -7.49 -31.23 15.04
C PRO B 388 -7.97 -29.92 15.63
N PHE B 389 -9.18 -29.53 15.24
CA PHE B 389 -9.86 -28.37 15.79
C PHE B 389 -10.42 -28.73 17.17
N LEU B 390 -11.29 -27.89 17.68
CA LEU B 390 -11.94 -28.15 18.97
C LEU B 390 -13.25 -28.91 18.75
N1 FMN C . -14.73 15.89 -11.46
C2 FMN C . -13.58 15.82 -10.74
O2 FMN C . -12.57 15.28 -11.23
N3 FMN C . -13.57 16.20 -9.43
C4 FMN C . -14.63 16.84 -8.83
O4 FMN C . -14.56 17.13 -7.63
C4A FMN C . -15.83 16.93 -9.57
N5 FMN C . -16.92 17.57 -9.03
C5A FMN C . -18.12 17.53 -9.73
C6 FMN C . -19.26 18.11 -9.16
C7 FMN C . -20.44 18.10 -9.85
C7M FMN C . -21.64 18.69 -9.13
C8 FMN C . -20.44 17.63 -11.14
C8M FMN C . -21.73 17.66 -11.94
C9 FMN C . -19.31 17.07 -11.73
C9A FMN C . -18.11 17.05 -11.05
N10 FMN C . -16.96 16.51 -11.64
C10 FMN C . -15.81 16.47 -10.88
C1' FMN C . -17.00 15.87 -12.97
C2' FMN C . -17.56 14.44 -12.69
O2' FMN C . -16.61 13.62 -12.00
C3' FMN C . -17.83 13.63 -13.96
O3' FMN C . -16.72 13.69 -14.83
C4' FMN C . -19.04 14.04 -14.77
O4' FMN C . -20.06 14.34 -13.81
C5' FMN C . -19.40 12.79 -15.61
O5' FMN C . -20.46 13.13 -16.44
P FMN C . -21.93 12.65 -15.99
O1P FMN C . -22.39 13.67 -14.98
O2P FMN C . -21.86 11.26 -15.46
O3P FMN C . -22.70 12.76 -17.31
C4 5J8 D . -24.99 18.58 -20.85
C5 5J8 D . -25.15 17.27 -21.07
C6 5J8 D . -24.11 16.53 -21.61
C8 5J8 D . -26.99 18.01 -20.22
N1 5J8 D . -22.97 17.13 -21.92
N3 5J8 D . -23.84 19.19 -21.16
NBU 5J8 D . -13.95 19.78 -9.37
CBT 5J8 D . -14.23 19.53 -10.72
OBV 5J8 D . -13.48 18.88 -11.43
CBR 5J8 D . -15.52 20.12 -11.25
CBQ 5J8 D . -15.99 19.55 -12.58
CBS 5J8 D . -16.43 20.87 -10.46
CBN 5J8 D . -17.39 21.64 -11.47
CBO 5J8 D . -18.07 20.83 -12.36
NBP 5J8 D . -17.05 20.06 -13.34
CBM 5J8 D . -17.10 19.87 -14.79
OBG 5J8 D . -17.02 21.35 -15.39
CBF 5J8 D . -18.22 19.37 -15.26
OBI 5J8 D . -18.39 17.90 -15.27
CBE 5J8 D . -18.24 19.90 -16.72
OBJ 5J8 D . -17.43 19.13 -17.52
CBH 5J8 D . -17.68 21.33 -16.54
CBK 5J8 D . -18.84 22.36 -16.45
OBL 5J8 D . -19.80 21.95 -15.48
PAA 5J8 D . -21.33 22.60 -15.52
OAC 5J8 D . -22.14 22.12 -14.35
OAB 5J8 D . -21.25 24.10 -15.59
OAD 5J8 D . -21.93 22.15 -16.97
PAE 5J8 D . -22.52 20.70 -17.50
OAG 5J8 D . -22.75 19.78 -16.30
OAF 5J8 D . -21.62 20.06 -18.52
O5' 5J8 D . -23.91 21.20 -18.21
C5' 5J8 D . -24.01 22.46 -18.79
C4' 5J8 D . -25.40 22.43 -19.45
O4' 5J8 D . -25.36 21.48 -20.37
C3' 5J8 D . -26.32 21.97 -18.30
O3' 5J8 D . -27.49 22.64 -18.31
C2' 5J8 D . -26.53 20.47 -18.64
O2' 5J8 D . -27.82 20.02 -18.17
P2' 5J8 D . -27.91 19.48 -16.64
OP1 5J8 D . -28.95 18.43 -16.88
OP3 5J8 D . -26.65 18.97 -15.97
OP2 5J8 D . -28.47 20.55 -15.74
C1' 5J8 D . -26.47 20.38 -19.94
N9 5J8 D . -26.14 19.04 -20.32
N7 5J8 D . -26.38 16.90 -20.67
C2 5J8 D . -22.83 18.46 -21.71
N6 5J8 D . -24.04 15.10 -21.93
C TRS E . -3.87 -2.31 -23.65
C1 TRS E . -3.91 -3.04 -25.00
C2 TRS E . -3.39 -3.27 -22.56
C3 TRS E . -5.22 -1.72 -23.31
N TRS E . -2.88 -1.19 -23.75
O1 TRS E . -4.40 -2.19 -26.03
O2 TRS E . -3.20 -2.60 -21.33
O3 TRS E . -6.13 -2.69 -22.85
C4 5J8 F . -39.72 18.64 -22.39
C5 5J8 F . -39.08 17.74 -23.14
C6 5J8 F . -39.03 17.90 -24.50
C8 5J8 F . -38.93 17.11 -21.08
N1 5J8 F . -39.61 18.94 -25.07
N3 5J8 F . -40.30 19.71 -22.97
NBU 5J8 F . -36.71 10.55 -14.72
CBT 5J8 F . -36.12 11.70 -15.40
OBV 5J8 F . -36.78 12.46 -16.01
CBR 5J8 F . -34.62 11.93 -15.32
CBQ 5J8 F . -34.03 13.30 -15.85
CBS 5J8 F . -33.80 10.84 -15.20
CBN 5J8 F . -32.29 11.21 -15.50
CBO 5J8 F . -31.92 12.36 -14.87
NBP 5J8 F . -32.73 13.64 -15.43
CBM 5J8 F . -32.19 14.96 -15.45
OBG 5J8 F . -32.59 15.68 -14.07
CBF 5J8 F . -32.74 15.68 -16.39
OBI 5J8 F . -31.99 15.53 -17.66
CBE 5J8 F . -32.58 17.11 -15.85
OBJ 5J8 F . -31.38 17.63 -16.18
CBH 5J8 F . -32.65 16.95 -14.31
CBK 5J8 F . -33.98 17.54 -13.73
OBL 5J8 F . -35.08 17.40 -14.59
PAA 5J8 F . -35.92 18.79 -14.91
OAC 5J8 F . -37.41 18.58 -15.04
OAB 5J8 F . -35.70 19.76 -13.76
OAD 5J8 F . -35.33 19.46 -16.30
PAE 5J8 F . -35.59 18.87 -17.82
OAG 5J8 F . -35.41 17.38 -17.87
OAF 5J8 F . -34.60 19.54 -18.74
O5' 5J8 F . -37.12 19.22 -18.29
C5' 5J8 F . -37.73 20.44 -17.92
C4' 5J8 F . -39.21 20.40 -18.38
O4' 5J8 F . -39.28 20.25 -19.67
C3' 5J8 F . -39.91 19.18 -17.77
O3' 5J8 F . -41.16 19.50 -17.32
C2' 5J8 F . -40.03 18.17 -18.91
O2' 5J8 F . -41.22 17.32 -18.69
P2' 5J8 F . -41.04 15.85 -17.97
OP1 5J8 F . -39.77 15.19 -18.43
OP3 5J8 F . -41.00 16.02 -16.48
OP2 5J8 F . -42.22 15.00 -18.37
C1' 5J8 F . -40.15 18.92 -19.97
N9 5J8 F . -39.61 18.25 -21.11
N7 5J8 F . -38.60 16.79 -22.33
C2 5J8 F . -40.24 19.85 -24.30
N6 5J8 F . -38.42 17.07 -25.53
N1 FMN G . 11.16 -17.21 12.07
C2 FMN G . 11.12 -16.39 10.95
O2 FMN G . 11.45 -15.21 11.02
N3 FMN G . 10.99 -16.94 9.71
C4 FMN G . 10.67 -18.26 9.54
O4 FMN G . 10.47 -18.72 8.39
C4A FMN G . 10.65 -19.10 10.66
N5 FMN G . 10.37 -20.44 10.53
C5A FMN G . 10.27 -21.21 11.69
C6 FMN G . 9.97 -22.56 11.56
C7 FMN G . 9.88 -23.38 12.67
C7M FMN G . 9.54 -24.84 12.51
C8 FMN G . 10.04 -22.82 13.93
C8M FMN G . 9.97 -23.71 15.13
C9 FMN G . 10.38 -21.48 14.06
C9A FMN G . 10.47 -20.64 12.95
N10 FMN G . 10.81 -19.29 13.08
C10 FMN G . 10.80 -18.52 11.93
C1' FMN G . 10.89 -18.54 14.40
C2' FMN G . 9.38 -18.29 14.75
O2' FMN G . 8.73 -17.36 13.89
C3' FMN G . 9.08 -17.75 16.18
O3' FMN G . 10.05 -16.76 16.44
C4' FMN G . 9.20 -18.87 17.20
O4' FMN G . 8.44 -19.98 16.76
C5' FMN G . 8.59 -18.28 18.51
O5' FMN G . 8.56 -19.12 19.69
P FMN G . 7.28 -20.06 19.88
O1P FMN G . 7.51 -21.26 18.99
O2P FMN G . 5.96 -19.42 19.72
O3P FMN G . 7.53 -20.45 21.34
C4 5J8 H . 13.17 -24.02 22.99
C5 5J8 H . 12.67 -22.89 22.49
C6 5J8 H . 12.59 -21.79 23.27
C8 5J8 H . 12.68 -24.37 20.91
N1 5J8 H . 12.96 -21.81 24.55
N3 5J8 H . 13.56 -24.07 24.30
NBU 5J8 H . 13.43 -19.04 8.54
CBT 5J8 H . 13.80 -18.87 9.91
OBV 5J8 H . 14.01 -17.81 10.46
CBR 5J8 H . 13.98 -20.14 10.72
CBQ 5J8 H . 13.96 -19.88 12.23
CBS 5J8 H . 13.72 -21.43 10.24
CBN 5J8 H . 14.22 -22.54 11.26
CBO 5J8 H . 13.81 -22.35 12.57
NBP 5J8 H . 14.20 -20.88 13.14
CBM 5J8 H . 14.82 -20.59 14.39
OBG 5J8 H . 16.18 -21.34 14.12
CBF 5J8 H . 14.30 -21.15 15.46
OBI 5J8 H . 13.38 -20.23 16.18
CBE 5J8 H . 15.55 -21.43 16.35
OBJ 5J8 H . 15.98 -20.30 16.99
CBH 5J8 H . 16.60 -21.83 15.29
CBK 5J8 H . 16.70 -23.38 15.12
OBL 5J8 H . 15.40 -23.90 15.01
PAA 5J8 H . 15.16 -25.53 15.10
OAC 5J8 H . 13.78 -25.94 14.70
OAB 5J8 H . 16.29 -26.33 14.53
OAD 5J8 H . 15.37 -25.83 16.71
PAE 5J8 H . 14.59 -25.11 17.96
OAG 5J8 H . 13.23 -24.54 17.66
OAF 5J8 H . 15.58 -24.12 18.54
O5' 5J8 H . 14.44 -26.38 19.00
C5' 5J8 H . 15.61 -26.99 19.45
C4' 5J8 H . 15.37 -27.39 20.92
O4' 5J8 H . 15.15 -26.30 21.66
C3' 5J8 H . 14.11 -28.26 21.06
O3' 5J8 H . 14.33 -29.14 22.09
C2' 5J8 H . 13.05 -27.20 21.39
O2' 5J8 H . 11.92 -27.77 22.12
P2' 5J8 H . 10.60 -28.30 21.38
OP1 5J8 H . 10.84 -29.64 20.68
OP3 5J8 H . 9.57 -28.43 22.46
OP2 5J8 H . 10.13 -27.27 20.35
C1' 5J8 H . 13.63 -26.32 22.17
N9 5J8 H . 13.15 -24.94 22.04
N7 5J8 H . 12.36 -23.10 21.19
C2 5J8 H . 13.47 -22.97 25.06
N6 5J8 H . 12.11 -20.47 22.93
#